data_1GNX
#
_entry.id   1GNX
#
_cell.length_a   96.700
_cell.length_b   111.280
_cell.length_c   185.310
_cell.angle_alpha   90.00
_cell.angle_beta   90.00
_cell.angle_gamma   90.00
#
_symmetry.space_group_name_H-M   'I 2 2 2'
#
loop_
_entity.id
_entity.type
_entity.pdbx_description
1 polymer BETA-GLUCOSIDASE
2 branched beta-D-fructofuranose-(2-1)-alpha-D-glucopyranose
3 non-polymer 'SULFATE ION'
4 water water
#
_entity_poly.entity_id   1
_entity_poly.type   'polypeptide(L)'
_entity_poly.pdbx_seq_one_letter_code
;MVPAAQQTATAPDAALTFPEGFLWGSATASYQIEGAAAEDGRTPSIWDTYARTPGRVRNGDTGDVATDHYHRWREDVALM
AELGLGAYRFSLAWPRIQPTGRGPALQKGLDFYRRLADELLAKGIQPVATLYHWDLPQELENAGGWPERATAERFAEYAA
IAADALGDRVKTWTTLNEPWCSAFLGYGSGVHAPGRTDPVAALRAAHHLNLGHGLAVQALRDRLPADAQCSVTLNIHHVR
PLTDSDADADAVRRIDALANRVFTGPMLQGAYPEDLVKDTAGLTDWSFVRDGDLRLAHQKLDFLGVNYYSPTLVSEADGS
GTHNSDGHGRSAHSPWPGADRVAFHQPPGETTAMGWAVDPSGLYELLRRLSSDFPALPLVITENGAAFHDYADPEGNVND
PERIAYVRDHLAAVHRAIKDGSDVRGYFLWSLLDNFEWAHGYSKRFGAVYVDYPTGTRIPKASARWYAEVARTGVLPTA
;
_entity_poly.pdbx_strand_id   A,B
#
loop_
_chem_comp.id
_chem_comp.type
_chem_comp.name
_chem_comp.formula
FRU D-saccharide, beta linking beta-D-fructofuranose 'C6 H12 O6'
GLC D-saccharide, alpha linking alpha-D-glucopyranose 'C6 H12 O6'
SO4 non-polymer 'SULFATE ION' 'O4 S -2'
#
# COMPACT_ATOMS: atom_id res chain seq x y z
N ALA A 15 -8.78 26.26 16.38
CA ALA A 15 -8.71 26.78 14.98
C ALA A 15 -7.63 27.85 14.87
N LEU A 16 -6.57 27.53 14.13
CA LEU A 16 -5.46 28.45 13.96
C LEU A 16 -5.61 29.28 12.69
N THR A 17 -5.32 30.57 12.80
CA THR A 17 -5.41 31.48 11.66
C THR A 17 -4.01 31.83 11.17
N PHE A 18 -3.80 31.74 9.86
CA PHE A 18 -2.50 32.06 9.29
C PHE A 18 -2.34 33.52 8.91
N PRO A 19 -1.10 33.99 8.81
CA PRO A 19 -0.80 35.39 8.46
C PRO A 19 -1.41 35.90 7.17
N GLU A 20 -1.67 37.20 7.14
CA GLU A 20 -2.24 37.85 5.98
C GLU A 20 -1.27 37.65 4.81
N GLY A 21 -1.80 37.23 3.67
CA GLY A 21 -0.96 37.02 2.50
C GLY A 21 -0.28 35.66 2.42
N PHE A 22 -0.47 34.80 3.42
CA PHE A 22 0.16 33.48 3.41
C PHE A 22 -0.26 32.79 2.11
N LEU A 23 0.71 32.21 1.42
CA LEU A 23 0.47 31.55 0.14
C LEU A 23 0.14 30.06 0.27
N TRP A 24 -0.99 29.64 -0.29
CA TRP A 24 -1.41 28.24 -0.26
C TRP A 24 -1.30 27.63 -1.65
N GLY A 25 -0.45 26.62 -1.81
CA GLY A 25 -0.30 26.01 -3.11
C GLY A 25 -0.05 24.52 -3.07
N SER A 26 0.29 23.97 -4.22
CA SER A 26 0.61 22.55 -4.35
C SER A 26 1.82 22.50 -5.26
N ALA A 27 2.57 21.41 -5.18
CA ALA A 27 3.79 21.28 -5.98
C ALA A 27 3.88 19.98 -6.76
N THR A 28 4.60 20.03 -7.88
CA THR A 28 4.83 18.87 -8.74
C THR A 28 6.23 19.03 -9.34
N ALA A 29 6.67 18.03 -10.10
CA ALA A 29 7.96 18.07 -10.80
C ALA A 29 7.71 17.54 -12.21
N SER A 30 8.44 18.07 -13.18
CA SER A 30 8.26 17.69 -14.59
C SER A 30 8.26 16.21 -14.93
N TYR A 31 9.35 15.51 -14.64
CA TYR A 31 9.39 14.09 -14.99
C TYR A 31 8.39 13.26 -14.19
N GLN A 32 8.01 13.74 -13.01
CA GLN A 32 7.07 13.00 -12.20
C GLN A 32 5.64 13.01 -12.71
N ILE A 33 5.23 14.09 -13.38
CA ILE A 33 3.84 14.16 -13.85
C ILE A 33 3.58 14.34 -15.35
N GLU A 34 4.52 14.91 -16.07
CA GLU A 34 4.29 15.22 -17.48
C GLU A 34 4.00 14.14 -18.51
N GLY A 35 4.83 13.11 -18.57
CA GLY A 35 4.63 12.11 -19.59
C GLY A 35 5.15 12.72 -20.88
N ALA A 36 4.65 12.25 -22.03
CA ALA A 36 5.09 12.76 -23.32
C ALA A 36 6.62 12.88 -23.33
N ALA A 37 7.27 11.82 -22.85
CA ALA A 37 8.73 11.82 -22.76
C ALA A 37 9.46 11.92 -24.09
N ALA A 38 8.83 11.43 -25.15
CA ALA A 38 9.45 11.48 -26.47
C ALA A 38 8.55 12.20 -27.45
N GLU A 39 8.01 13.34 -27.00
CA GLU A 39 7.15 14.17 -27.83
C GLU A 39 7.68 15.59 -27.92
N ASP A 40 7.36 16.25 -29.03
CA ASP A 40 7.70 17.64 -29.29
C ASP A 40 9.16 18.10 -29.17
N GLY A 41 10.09 17.18 -29.40
CA GLY A 41 11.50 17.56 -29.36
C GLY A 41 12.26 17.19 -28.12
N ARG A 42 11.55 16.73 -27.08
CA ARG A 42 12.22 16.36 -25.86
C ARG A 42 13.15 15.18 -26.11
N THR A 43 14.35 15.24 -25.54
CA THR A 43 15.32 14.15 -25.66
C THR A 43 15.46 13.57 -24.25
N PRO A 44 15.98 12.34 -24.13
CA PRO A 44 16.12 11.72 -22.81
C PRO A 44 16.91 12.45 -21.72
N SER A 45 16.43 12.31 -20.48
CA SER A 45 17.10 12.88 -19.32
C SER A 45 17.74 11.70 -18.62
N ILE A 46 18.56 11.95 -17.59
CA ILE A 46 19.18 10.84 -16.87
C ILE A 46 18.16 9.90 -16.23
N TRP A 47 16.97 10.41 -15.91
CA TRP A 47 15.95 9.55 -15.32
C TRP A 47 15.29 8.64 -16.35
N ASP A 48 15.26 9.07 -17.61
CA ASP A 48 14.68 8.23 -18.67
C ASP A 48 15.60 7.01 -18.77
N THR A 49 16.91 7.29 -18.80
CA THR A 49 17.92 6.25 -18.91
C THR A 49 17.93 5.33 -17.70
N TYR A 50 17.86 5.93 -16.52
CA TYR A 50 17.87 5.21 -15.26
C TYR A 50 16.66 4.30 -15.12
N ALA A 51 15.47 4.83 -15.38
CA ALA A 51 14.25 4.03 -15.25
C ALA A 51 14.19 2.86 -16.24
N ARG A 52 14.85 3.02 -17.39
CA ARG A 52 14.86 1.96 -18.39
C ARG A 52 15.95 0.93 -18.12
N THR A 53 16.67 1.13 -17.02
CA THR A 53 17.74 0.22 -16.63
C THR A 53 17.19 -0.83 -15.66
N PRO A 54 17.20 -2.10 -16.06
CA PRO A 54 16.68 -3.17 -15.19
C PRO A 54 17.13 -3.11 -13.74
N GLY A 55 16.16 -3.10 -12.83
CA GLY A 55 16.46 -3.08 -11.41
C GLY A 55 16.56 -1.73 -10.72
N ARG A 56 16.62 -0.65 -11.48
CA ARG A 56 16.76 0.69 -10.90
C ARG A 56 15.48 1.30 -10.32
N VAL A 57 14.37 1.07 -10.99
CA VAL A 57 13.10 1.62 -10.53
C VAL A 57 12.13 0.48 -10.29
N ARG A 58 11.32 0.61 -9.24
CA ARG A 58 10.35 -0.42 -8.91
C ARG A 58 9.52 -0.86 -10.10
N ASN A 59 9.43 -2.17 -10.30
CA ASN A 59 8.65 -2.76 -11.37
C ASN A 59 9.04 -2.28 -12.77
N GLY A 60 10.16 -1.59 -12.88
CA GLY A 60 10.58 -1.09 -14.18
C GLY A 60 9.72 0.07 -14.67
N ASP A 61 9.03 0.72 -13.74
CA ASP A 61 8.19 1.87 -14.10
C ASP A 61 9.04 2.98 -14.70
N THR A 62 8.46 3.77 -15.59
CA THR A 62 9.17 4.91 -16.17
C THR A 62 8.18 6.06 -16.25
N GLY A 63 8.69 7.25 -16.52
CA GLY A 63 7.84 8.42 -16.63
C GLY A 63 7.41 8.70 -18.07
N ASP A 64 7.42 7.68 -18.92
CA ASP A 64 7.02 7.86 -20.31
C ASP A 64 5.67 8.55 -20.44
N VAL A 65 4.71 8.11 -19.63
CA VAL A 65 3.36 8.67 -19.64
C VAL A 65 2.99 9.37 -18.34
N ALA A 66 3.34 8.75 -17.22
CA ALA A 66 3.04 9.30 -15.89
C ALA A 66 1.55 9.69 -15.80
N THR A 67 1.27 10.93 -15.41
CA THR A 67 -0.13 11.38 -15.29
C THR A 67 -0.63 12.01 -16.59
N ASP A 68 0.23 12.06 -17.60
CA ASP A 68 -0.11 12.66 -18.89
C ASP A 68 -0.46 14.14 -18.75
N HIS A 69 0.15 14.81 -17.76
CA HIS A 69 -0.08 16.22 -17.54
C HIS A 69 0.26 17.07 -18.77
N TYR A 70 1.22 16.61 -19.58
CA TYR A 70 1.61 17.37 -20.77
C TYR A 70 0.40 17.60 -21.68
N HIS A 71 -0.53 16.66 -21.69
CA HIS A 71 -1.71 16.79 -22.52
C HIS A 71 -2.93 17.23 -21.73
N ARG A 72 -2.96 16.91 -20.43
CA ARG A 72 -4.09 17.28 -19.58
C ARG A 72 -3.87 18.55 -18.76
N TRP A 73 -2.84 19.31 -19.09
CA TRP A 73 -2.51 20.52 -18.34
C TRP A 73 -3.65 21.51 -18.07
N ARG A 74 -4.51 21.73 -19.06
CA ARG A 74 -5.61 22.67 -18.89
C ARG A 74 -6.58 22.19 -17.81
N GLU A 75 -6.89 20.90 -17.84
CA GLU A 75 -7.77 20.28 -16.87
C GLU A 75 -7.18 20.38 -15.47
N ASP A 76 -5.87 20.21 -15.37
CA ASP A 76 -5.21 20.29 -14.08
C ASP A 76 -5.24 21.70 -13.50
N VAL A 77 -5.08 22.71 -14.34
CA VAL A 77 -5.14 24.08 -13.86
C VAL A 77 -6.56 24.34 -13.35
N ALA A 78 -7.55 23.85 -14.08
CA ALA A 78 -8.95 24.04 -13.68
C ALA A 78 -9.17 23.42 -12.32
N LEU A 79 -8.52 22.28 -12.08
CA LEU A 79 -8.64 21.57 -10.81
C LEU A 79 -8.06 22.44 -9.69
N MET A 80 -6.93 23.08 -9.96
CA MET A 80 -6.28 23.94 -8.98
C MET A 80 -7.20 25.10 -8.62
N ALA A 81 -7.88 25.64 -9.65
CA ALA A 81 -8.79 26.76 -9.44
C ALA A 81 -9.97 26.32 -8.57
N GLU A 82 -10.47 25.11 -8.83
CA GLU A 82 -11.59 24.59 -8.06
C GLU A 82 -11.16 24.43 -6.60
N LEU A 83 -9.91 24.05 -6.38
CA LEU A 83 -9.40 23.87 -5.02
C LEU A 83 -9.04 25.22 -4.39
N GLY A 84 -9.23 26.29 -5.14
CA GLY A 84 -8.93 27.63 -4.63
C GLY A 84 -7.48 27.89 -4.25
N LEU A 85 -6.55 27.19 -4.88
CA LEU A 85 -5.14 27.37 -4.58
C LEU A 85 -4.63 28.72 -5.11
N GLY A 86 -3.76 29.35 -4.34
CA GLY A 86 -3.23 30.64 -4.73
C GLY A 86 -1.93 30.59 -5.51
N ALA A 87 -1.28 29.43 -5.53
CA ALA A 87 -0.02 29.29 -6.24
C ALA A 87 0.20 27.85 -6.69
N TYR A 88 1.03 27.69 -7.70
CA TYR A 88 1.36 26.36 -8.22
C TYR A 88 2.85 26.29 -8.48
N ARG A 89 3.50 25.36 -7.79
CA ARG A 89 4.94 25.16 -7.94
C ARG A 89 5.17 23.96 -8.85
N PHE A 90 5.85 24.20 -9.96
CA PHE A 90 6.15 23.15 -10.93
C PHE A 90 7.59 23.28 -11.37
N SER A 91 8.11 22.26 -12.04
CA SER A 91 9.48 22.36 -12.51
C SER A 91 9.51 22.41 -14.03
N LEU A 92 10.55 23.04 -14.57
CA LEU A 92 10.72 23.16 -16.01
C LEU A 92 11.60 22.02 -16.50
N ALA A 93 11.17 21.34 -17.56
CA ALA A 93 11.96 20.22 -18.10
C ALA A 93 13.09 20.73 -19.00
N TRP A 94 14.31 20.69 -18.47
CA TRP A 94 15.48 21.12 -19.23
C TRP A 94 15.50 20.41 -20.60
N PRO A 95 15.24 19.09 -20.62
CA PRO A 95 15.26 18.34 -21.88
C PRO A 95 14.25 18.82 -22.93
N ARG A 96 13.20 19.52 -22.51
CA ARG A 96 12.22 20.05 -23.46
C ARG A 96 12.62 21.44 -23.94
N ILE A 97 13.17 22.23 -23.02
CA ILE A 97 13.57 23.61 -23.28
C ILE A 97 14.87 23.74 -24.04
N GLN A 98 15.84 22.89 -23.70
CA GLN A 98 17.12 22.90 -24.37
C GLN A 98 17.59 21.46 -24.47
N PRO A 99 17.05 20.70 -25.43
CA PRO A 99 17.44 19.31 -25.61
C PRO A 99 18.97 19.16 -25.60
N THR A 100 19.44 18.11 -24.91
CA THR A 100 20.86 17.77 -24.75
C THR A 100 21.63 18.64 -23.74
N GLY A 101 21.02 19.73 -23.28
CA GLY A 101 21.70 20.56 -22.31
C GLY A 101 22.61 21.62 -22.91
N ARG A 102 22.60 21.72 -24.24
CA ARG A 102 23.40 22.72 -24.92
C ARG A 102 22.73 23.02 -26.26
N GLY A 103 23.11 24.13 -26.87
CA GLY A 103 22.49 24.49 -28.13
C GLY A 103 21.39 25.51 -27.90
N PRO A 104 20.67 25.91 -28.96
CA PRO A 104 19.60 26.88 -28.82
C PRO A 104 18.36 26.40 -28.09
N ALA A 105 17.54 27.36 -27.67
CA ALA A 105 16.30 27.03 -26.99
C ALA A 105 15.38 26.39 -28.00
N LEU A 106 14.54 25.46 -27.55
CA LEU A 106 13.56 24.83 -28.44
C LEU A 106 12.24 25.50 -28.09
N GLN A 107 11.77 26.38 -28.96
CA GLN A 107 10.54 27.11 -28.69
C GLN A 107 9.32 26.23 -28.42
N LYS A 108 9.21 25.10 -29.11
CA LYS A 108 8.05 24.24 -28.91
C LYS A 108 8.02 23.75 -27.45
N GLY A 109 9.19 23.49 -26.90
CA GLY A 109 9.27 23.05 -25.52
C GLY A 109 8.84 24.17 -24.58
N LEU A 110 9.36 25.37 -24.83
CA LEU A 110 9.03 26.52 -24.01
C LEU A 110 7.55 26.89 -24.14
N ASP A 111 6.97 26.63 -25.31
CA ASP A 111 5.56 26.94 -25.52
C ASP A 111 4.65 26.21 -24.51
N PHE A 112 5.01 25.00 -24.14
CA PHE A 112 4.20 24.26 -23.17
C PHE A 112 4.10 25.06 -21.87
N TYR A 113 5.22 25.58 -21.41
CA TYR A 113 5.24 26.34 -20.17
C TYR A 113 4.63 27.72 -20.35
N ARG A 114 4.74 28.28 -21.56
CA ARG A 114 4.13 29.58 -21.82
C ARG A 114 2.62 29.47 -21.64
N ARG A 115 2.03 28.47 -22.28
CA ARG A 115 0.59 28.29 -22.17
C ARG A 115 0.16 27.95 -20.75
N LEU A 116 0.93 27.10 -20.08
CA LEU A 116 0.62 26.71 -18.71
C LEU A 116 0.63 27.93 -17.79
N ALA A 117 1.72 28.69 -17.84
CA ALA A 117 1.86 29.88 -17.01
C ALA A 117 0.75 30.88 -17.31
N ASP A 118 0.45 31.09 -18.58
CA ASP A 118 -0.60 32.04 -18.97
C ASP A 118 -1.97 31.64 -18.41
N GLU A 119 -2.26 30.34 -18.45
CA GLU A 119 -3.53 29.83 -17.95
C GLU A 119 -3.60 29.97 -16.43
N LEU A 120 -2.49 29.70 -15.76
CA LEU A 120 -2.46 29.84 -14.30
C LEU A 120 -2.79 31.28 -13.93
N LEU A 121 -2.12 32.22 -14.59
CA LEU A 121 -2.34 33.65 -14.33
C LEU A 121 -3.78 34.06 -14.63
N ALA A 122 -4.35 33.51 -15.70
CA ALA A 122 -5.72 33.83 -16.08
C ALA A 122 -6.67 33.35 -14.99
N LYS A 123 -6.22 32.35 -14.23
CA LYS A 123 -7.00 31.76 -13.14
C LYS A 123 -6.66 32.40 -11.79
N GLY A 124 -5.75 33.36 -11.79
CA GLY A 124 -5.37 34.02 -10.56
C GLY A 124 -4.47 33.17 -9.69
N ILE A 125 -3.79 32.20 -10.30
CA ILE A 125 -2.88 31.33 -9.59
C ILE A 125 -1.44 31.73 -9.93
N GLN A 126 -0.63 31.95 -8.89
CA GLN A 126 0.75 32.37 -9.08
C GLN A 126 1.66 31.22 -9.50
N PRO A 127 2.26 31.33 -10.69
CA PRO A 127 3.16 30.25 -11.14
C PRO A 127 4.52 30.40 -10.47
N VAL A 128 5.03 29.30 -9.92
CA VAL A 128 6.33 29.29 -9.26
C VAL A 128 7.11 28.19 -9.96
N ALA A 129 8.16 28.59 -10.67
CA ALA A 129 8.95 27.63 -11.45
C ALA A 129 10.31 27.25 -10.92
N THR A 130 10.58 25.94 -10.91
CA THR A 130 11.86 25.39 -10.48
C THR A 130 12.59 25.02 -11.76
N LEU A 131 13.80 25.54 -11.93
CA LEU A 131 14.57 25.25 -13.14
C LEU A 131 15.06 23.80 -13.19
N TYR A 132 15.51 23.28 -12.07
CA TYR A 132 16.02 21.92 -12.08
C TYR A 132 15.50 20.99 -11.00
N HIS A 133 14.70 20.01 -11.41
CA HIS A 133 14.17 19.04 -10.47
C HIS A 133 14.60 17.64 -10.90
N TRP A 134 15.91 17.51 -11.09
CA TRP A 134 16.58 16.25 -11.41
C TRP A 134 16.61 15.69 -12.81
N ASP A 135 15.85 16.26 -13.74
CA ASP A 135 15.86 15.75 -15.10
C ASP A 135 16.98 16.32 -15.98
N LEU A 136 18.21 15.99 -15.61
CA LEU A 136 19.38 16.45 -16.34
C LEU A 136 19.43 15.81 -17.73
N PRO A 137 19.67 16.60 -18.79
CA PRO A 137 19.74 16.00 -20.13
C PRO A 137 20.82 14.92 -20.11
N GLN A 138 20.52 13.75 -20.66
CA GLN A 138 21.50 12.66 -20.65
C GLN A 138 22.86 13.02 -21.22
N GLU A 139 22.88 13.83 -22.28
CA GLU A 139 24.14 14.22 -22.90
C GLU A 139 25.09 14.92 -21.93
N LEU A 140 24.56 15.66 -20.96
CA LEU A 140 25.41 16.33 -20.00
C LEU A 140 26.03 15.32 -19.05
N GLU A 141 25.32 14.22 -18.78
CA GLU A 141 25.84 13.18 -17.93
C GLU A 141 26.89 12.41 -18.73
N ASN A 142 26.65 12.25 -20.03
CA ASN A 142 27.60 11.56 -20.90
C ASN A 142 28.93 12.29 -20.85
N ALA A 143 28.85 13.61 -20.69
CA ALA A 143 30.04 14.46 -20.63
C ALA A 143 30.64 14.58 -19.23
N GLY A 144 30.06 13.88 -18.27
CA GLY A 144 30.58 13.93 -16.91
C GLY A 144 29.57 14.16 -15.80
N GLY A 145 28.42 14.72 -16.15
CA GLY A 145 27.40 14.97 -15.15
C GLY A 145 27.78 16.06 -14.17
N TRP A 146 27.09 16.11 -13.04
CA TRP A 146 27.35 17.14 -12.05
C TRP A 146 28.79 17.15 -11.50
N PRO A 147 29.48 15.99 -11.48
CA PRO A 147 30.85 16.02 -10.97
C PRO A 147 31.76 16.81 -11.92
N GLU A 148 31.25 17.08 -13.12
CA GLU A 148 31.99 17.83 -14.13
C GLU A 148 31.57 19.31 -14.08
N ARG A 149 32.57 20.18 -13.93
CA ARG A 149 32.34 21.62 -13.83
C ARG A 149 31.47 22.23 -14.93
N ALA A 150 31.69 21.80 -16.18
CA ALA A 150 30.94 22.36 -17.31
C ALA A 150 29.43 22.31 -17.10
N THR A 151 28.96 21.31 -16.37
CA THR A 151 27.53 21.17 -16.14
C THR A 151 26.95 22.41 -15.44
N ALA A 152 27.71 22.99 -14.52
CA ALA A 152 27.25 24.19 -13.81
C ALA A 152 27.10 25.36 -14.78
N GLU A 153 28.02 25.49 -15.71
CA GLU A 153 27.98 26.57 -16.68
C GLU A 153 26.83 26.33 -17.64
N ARG A 154 26.61 25.08 -18.01
CA ARG A 154 25.51 24.75 -18.92
C ARG A 154 24.18 25.07 -18.24
N PHE A 155 24.10 24.85 -16.94
CA PHE A 155 22.88 25.14 -16.20
C PHE A 155 22.59 26.65 -16.20
N ALA A 156 23.64 27.46 -16.08
CA ALA A 156 23.47 28.92 -16.08
C ALA A 156 22.96 29.42 -17.43
N GLU A 157 23.39 28.77 -18.51
CA GLU A 157 22.96 29.16 -19.85
C GLU A 157 21.49 28.81 -20.00
N TYR A 158 21.10 27.66 -19.47
CA TYR A 158 19.72 27.19 -19.51
C TYR A 158 18.84 28.16 -18.71
N ALA A 159 19.34 28.60 -17.56
CA ALA A 159 18.60 29.53 -16.72
C ALA A 159 18.29 30.81 -17.50
N ALA A 160 19.28 31.29 -18.25
CA ALA A 160 19.11 32.50 -19.05
C ALA A 160 18.04 32.28 -20.12
N ILE A 161 18.10 31.13 -20.78
CA ILE A 161 17.13 30.79 -21.83
C ILE A 161 15.72 30.81 -21.26
N ALA A 162 15.55 30.18 -20.09
CA ALA A 162 14.25 30.10 -19.44
C ALA A 162 13.73 31.48 -19.04
N ALA A 163 14.61 32.30 -18.45
CA ALA A 163 14.23 33.64 -18.01
C ALA A 163 13.84 34.52 -19.20
N ASP A 164 14.62 34.43 -20.28
CA ASP A 164 14.33 35.22 -21.48
C ASP A 164 12.95 34.91 -22.03
N ALA A 165 12.58 33.64 -21.98
CA ALA A 165 11.30 33.19 -22.53
C ALA A 165 10.08 33.33 -21.62
N LEU A 166 10.26 33.06 -20.33
CA LEU A 166 9.13 33.10 -19.40
C LEU A 166 9.19 34.19 -18.35
N GLY A 167 10.24 35.00 -18.39
CA GLY A 167 10.40 36.06 -17.41
C GLY A 167 9.27 37.06 -17.31
N ASP A 168 8.50 37.21 -18.39
CA ASP A 168 7.41 38.17 -18.37
C ASP A 168 6.13 37.60 -17.77
N ARG A 169 6.08 36.30 -17.53
CA ARG A 169 4.88 35.70 -16.95
C ARG A 169 5.14 35.04 -15.60
N VAL A 170 6.35 34.54 -15.41
CA VAL A 170 6.71 33.89 -14.15
C VAL A 170 7.57 34.85 -13.32
N LYS A 171 7.08 35.21 -12.13
CA LYS A 171 7.79 36.14 -11.26
C LYS A 171 8.50 35.52 -10.06
N THR A 172 8.31 34.22 -9.85
CA THR A 172 8.95 33.55 -8.72
C THR A 172 9.74 32.37 -9.27
N TRP A 173 11.05 32.40 -9.06
CA TRP A 173 11.93 31.35 -9.58
C TRP A 173 12.76 30.63 -8.54
N THR A 174 12.89 29.32 -8.74
CA THR A 174 13.69 28.48 -7.86
C THR A 174 14.74 27.84 -8.77
N THR A 175 15.99 27.89 -8.38
CA THR A 175 17.06 27.32 -9.19
C THR A 175 17.08 25.79 -9.14
N LEU A 176 17.35 25.25 -7.96
CA LEU A 176 17.42 23.81 -7.77
C LEU A 176 16.45 23.28 -6.73
N ASN A 177 16.05 22.03 -6.89
CA ASN A 177 15.18 21.38 -5.91
C ASN A 177 15.98 20.23 -5.31
N GLU A 178 16.17 20.26 -4.00
CA GLU A 178 16.88 19.21 -3.29
C GLU A 178 18.20 18.72 -3.90
N PRO A 179 19.21 19.60 -3.96
CA PRO A 179 20.50 19.23 -4.51
C PRO A 179 21.17 18.11 -3.71
N TRP A 180 20.77 17.94 -2.45
CA TRP A 180 21.35 16.87 -1.65
C TRP A 180 21.05 15.53 -2.32
N CYS A 181 19.82 15.37 -2.79
CA CYS A 181 19.43 14.13 -3.45
C CYS A 181 20.20 13.96 -4.76
N SER A 182 20.26 15.01 -5.56
CA SER A 182 20.97 14.95 -6.84
C SER A 182 22.43 14.53 -6.68
N ALA A 183 23.10 15.13 -5.71
CA ALA A 183 24.51 14.81 -5.50
C ALA A 183 24.81 13.49 -4.80
N PHE A 184 24.21 13.30 -3.63
CA PHE A 184 24.50 12.10 -2.84
C PHE A 184 23.75 10.81 -3.16
N LEU A 185 22.51 10.92 -3.60
CA LEU A 185 21.77 9.72 -3.99
C LEU A 185 22.09 9.44 -5.45
N GLY A 186 22.34 10.50 -6.20
CA GLY A 186 22.66 10.36 -7.60
C GLY A 186 24.07 9.90 -7.91
N TYR A 187 25.03 10.35 -7.11
CA TYR A 187 26.44 9.99 -7.31
C TYR A 187 27.11 9.35 -6.11
N GLY A 188 26.41 9.31 -4.98
CA GLY A 188 26.99 8.73 -3.77
C GLY A 188 26.58 7.29 -3.56
N SER A 189 25.29 7.06 -3.33
CA SER A 189 24.76 5.72 -3.12
C SER A 189 24.18 5.14 -4.40
N GLY A 190 24.01 6.00 -5.40
CA GLY A 190 23.50 5.58 -6.70
C GLY A 190 22.08 5.10 -6.80
N VAL A 191 21.24 5.38 -5.81
CA VAL A 191 19.85 4.94 -5.83
C VAL A 191 18.94 5.89 -6.61
N HIS A 192 19.51 6.99 -7.10
CA HIS A 192 18.81 7.97 -7.93
C HIS A 192 19.66 8.14 -9.18
N ALA A 193 19.06 8.59 -10.27
CA ALA A 193 19.82 8.81 -11.51
C ALA A 193 20.93 9.82 -11.21
N PRO A 194 22.09 9.68 -11.86
CA PRO A 194 22.47 8.67 -12.86
C PRO A 194 22.88 7.29 -12.33
N GLY A 195 22.88 7.11 -11.01
CA GLY A 195 23.23 5.82 -10.44
C GLY A 195 24.70 5.55 -10.17
N ARG A 196 25.50 6.60 -10.02
CA ARG A 196 26.91 6.40 -9.76
C ARG A 196 27.20 6.28 -8.26
N THR A 197 28.33 5.68 -7.92
CA THR A 197 28.71 5.49 -6.53
C THR A 197 30.18 5.78 -6.28
N ASP A 198 30.48 7.04 -5.98
CA ASP A 198 31.83 7.49 -5.69
C ASP A 198 31.71 8.68 -4.75
N PRO A 199 32.28 8.58 -3.54
CA PRO A 199 32.19 9.67 -2.56
C PRO A 199 32.72 11.02 -3.06
N VAL A 200 33.83 11.00 -3.80
CA VAL A 200 34.39 12.24 -4.31
C VAL A 200 33.50 12.82 -5.42
N ALA A 201 32.94 11.94 -6.25
CA ALA A 201 32.05 12.39 -7.31
C ALA A 201 30.85 13.08 -6.69
N ALA A 202 30.37 12.53 -5.58
CA ALA A 202 29.20 13.12 -4.89
C ALA A 202 29.53 14.50 -4.36
N LEU A 203 30.72 14.67 -3.79
CA LEU A 203 31.10 15.98 -3.24
C LEU A 203 31.33 16.98 -4.37
N ARG A 204 31.89 16.52 -5.49
CA ARG A 204 32.12 17.39 -6.65
C ARG A 204 30.76 17.84 -7.18
N ALA A 205 29.82 16.90 -7.22
CA ALA A 205 28.47 17.21 -7.71
C ALA A 205 27.84 18.26 -6.81
N ALA A 206 28.00 18.09 -5.50
CA ALA A 206 27.43 19.04 -4.55
C ALA A 206 27.98 20.43 -4.82
N HIS A 207 29.29 20.52 -5.05
CA HIS A 207 29.91 21.81 -5.30
C HIS A 207 29.43 22.45 -6.59
N HIS A 208 29.32 21.67 -7.65
CA HIS A 208 28.88 22.20 -8.92
C HIS A 208 27.41 22.57 -8.90
N LEU A 209 26.65 21.99 -7.98
CA LEU A 209 25.24 22.35 -7.85
C LEU A 209 25.26 23.73 -7.16
N ASN A 210 26.15 23.89 -6.18
CA ASN A 210 26.25 25.19 -5.50
C ASN A 210 26.67 26.26 -6.50
N LEU A 211 27.65 25.94 -7.34
CA LEU A 211 28.14 26.88 -8.35
C LEU A 211 27.06 27.18 -9.39
N GLY A 212 26.44 26.13 -9.91
CA GLY A 212 25.38 26.31 -10.90
C GLY A 212 24.27 27.19 -10.35
N HIS A 213 23.90 26.96 -9.09
CA HIS A 213 22.86 27.74 -8.43
C HIS A 213 23.19 29.24 -8.46
N GLY A 214 24.39 29.58 -8.02
CA GLY A 214 24.81 30.97 -8.00
C GLY A 214 24.86 31.60 -9.38
N LEU A 215 25.44 30.89 -10.33
CA LEU A 215 25.53 31.39 -11.70
C LEU A 215 24.14 31.62 -12.26
N ALA A 216 23.21 30.72 -11.92
CA ALA A 216 21.83 30.84 -12.39
C ALA A 216 21.14 32.05 -11.78
N VAL A 217 21.31 32.26 -10.48
CA VAL A 217 20.67 33.41 -9.85
C VAL A 217 21.19 34.68 -10.51
N GLN A 218 22.50 34.70 -10.80
CA GLN A 218 23.11 35.86 -11.46
C GLN A 218 22.42 36.11 -12.79
N ALA A 219 22.25 35.04 -13.56
CA ALA A 219 21.61 35.11 -14.87
C ALA A 219 20.17 35.56 -14.75
N LEU A 220 19.47 35.04 -13.74
CA LEU A 220 18.06 35.40 -13.53
C LEU A 220 17.90 36.87 -13.17
N ARG A 221 18.73 37.36 -12.25
CA ARG A 221 18.65 38.76 -11.83
C ARG A 221 18.88 39.67 -13.03
N ASP A 222 19.77 39.25 -13.91
CA ASP A 222 20.12 40.04 -15.09
C ASP A 222 19.03 40.05 -16.15
N ARG A 223 18.26 38.97 -16.27
CA ARG A 223 17.24 38.89 -17.30
C ARG A 223 15.78 39.03 -16.84
N LEU A 224 15.55 38.99 -15.53
CA LEU A 224 14.19 39.11 -15.01
C LEU A 224 13.86 40.51 -14.53
N PRO A 225 12.57 40.84 -14.45
CA PRO A 225 12.14 42.17 -13.99
C PRO A 225 12.66 42.37 -12.57
N ALA A 226 12.84 43.62 -12.17
CA ALA A 226 13.35 43.93 -10.84
C ALA A 226 12.53 43.35 -9.69
N ASP A 227 11.24 43.17 -9.88
CA ASP A 227 10.38 42.65 -8.81
C ASP A 227 10.32 41.13 -8.72
N ALA A 228 10.97 40.44 -9.64
CA ALA A 228 10.97 38.99 -9.64
C ALA A 228 11.71 38.44 -8.42
N GLN A 229 11.24 37.30 -7.91
CA GLN A 229 11.85 36.67 -6.75
C GLN A 229 12.67 35.45 -7.17
N CYS A 230 13.81 35.25 -6.51
CA CYS A 230 14.69 34.12 -6.81
C CYS A 230 14.96 33.36 -5.52
N SER A 231 15.00 32.02 -5.63
CA SER A 231 15.22 31.20 -4.46
C SER A 231 15.84 29.87 -4.85
N VAL A 232 16.02 29.02 -3.85
CA VAL A 232 16.54 27.67 -4.03
C VAL A 232 15.71 26.83 -3.05
N THR A 233 15.50 25.56 -3.38
CA THR A 233 14.72 24.70 -2.50
C THR A 233 15.61 23.58 -1.96
N LEU A 234 15.70 23.51 -0.64
CA LEU A 234 16.53 22.51 0.01
C LEU A 234 15.72 21.63 0.95
N ASN A 235 15.98 20.34 0.93
CA ASN A 235 15.30 19.46 1.86
C ASN A 235 16.20 19.54 3.10
N ILE A 236 15.77 20.34 4.07
CA ILE A 236 16.52 20.55 5.29
C ILE A 236 16.30 19.41 6.28
N HIS A 237 17.31 18.56 6.41
CA HIS A 237 17.24 17.44 7.34
C HIS A 237 17.24 17.97 8.76
N HIS A 238 16.31 17.49 9.59
CA HIS A 238 16.30 17.90 10.98
C HIS A 238 16.96 16.75 11.72
N VAL A 239 18.24 16.92 12.04
CA VAL A 239 19.02 15.88 12.70
C VAL A 239 18.98 15.88 14.22
N ARG A 240 18.61 14.73 14.78
CA ARG A 240 18.53 14.53 16.23
C ARG A 240 19.42 13.35 16.64
N PRO A 241 19.93 13.37 17.88
CA PRO A 241 20.79 12.30 18.41
C PRO A 241 19.98 11.21 19.11
N LEU A 242 20.40 9.95 18.94
CA LEU A 242 19.69 8.84 19.55
C LEU A 242 19.72 8.90 21.07
N THR A 243 20.83 9.36 21.63
CA THR A 243 20.97 9.48 23.07
C THR A 243 21.60 10.83 23.43
N ASP A 244 21.85 11.05 24.71
CA ASP A 244 22.44 12.29 25.17
C ASP A 244 23.96 12.23 25.03
N SER A 245 24.47 11.04 24.70
CA SER A 245 25.91 10.81 24.53
C SER A 245 26.61 11.91 23.75
N ASP A 246 27.83 12.23 24.18
CA ASP A 246 28.63 13.27 23.51
C ASP A 246 28.99 12.82 22.10
N ALA A 247 29.08 11.52 21.90
CA ALA A 247 29.41 10.98 20.59
C ALA A 247 28.24 11.22 19.61
N ASP A 248 27.03 10.94 20.08
CA ASP A 248 25.84 11.13 19.25
C ASP A 248 25.67 12.59 18.85
N ALA A 249 26.21 13.50 19.67
CA ALA A 249 26.12 14.93 19.37
C ALA A 249 27.07 15.26 18.24
N ASP A 250 28.19 14.54 18.18
CA ASP A 250 29.15 14.76 17.11
C ASP A 250 28.55 14.20 15.83
N ALA A 251 27.83 13.09 15.97
CA ALA A 251 27.19 12.44 14.82
C ALA A 251 26.18 13.41 14.22
N VAL A 252 25.46 14.13 15.08
CA VAL A 252 24.48 15.11 14.63
C VAL A 252 25.17 16.19 13.83
N ARG A 253 26.32 16.65 14.34
CA ARG A 253 27.08 17.69 13.65
C ARG A 253 27.51 17.23 12.28
N ARG A 254 28.07 16.02 12.21
CA ARG A 254 28.56 15.45 10.95
C ARG A 254 27.47 15.35 9.89
N ILE A 255 26.30 14.84 10.28
CA ILE A 255 25.21 14.69 9.35
C ILE A 255 24.58 16.02 8.98
N ASP A 256 24.52 16.95 9.93
CA ASP A 256 23.97 18.27 9.64
C ASP A 256 24.87 18.95 8.60
N ALA A 257 26.17 18.72 8.73
CA ALA A 257 27.14 19.30 7.81
C ALA A 257 26.94 18.76 6.40
N LEU A 258 26.80 17.44 6.28
CA LEU A 258 26.61 16.79 4.99
C LEU A 258 25.23 16.95 4.38
N ALA A 259 24.20 16.99 5.22
CA ALA A 259 22.84 17.11 4.73
C ALA A 259 22.41 18.53 4.40
N ASN A 260 22.81 19.47 5.25
CA ASN A 260 22.38 20.85 5.08
C ASN A 260 23.44 21.90 4.78
N ARG A 261 24.43 21.99 5.66
CA ARG A 261 25.48 23.00 5.53
C ARG A 261 26.38 22.93 4.31
N VAL A 262 26.46 21.77 3.67
CA VAL A 262 27.29 21.67 2.46
C VAL A 262 26.63 22.55 1.39
N PHE A 263 25.38 22.90 1.61
CA PHE A 263 24.63 23.77 0.70
C PHE A 263 24.35 25.14 1.29
N THR A 264 23.85 25.21 2.52
CA THR A 264 23.56 26.52 3.10
C THR A 264 24.85 27.31 3.33
N GLY A 265 25.95 26.61 3.56
CA GLY A 265 27.22 27.30 3.77
C GLY A 265 27.57 28.12 2.54
N PRO A 266 27.77 27.45 1.40
CA PRO A 266 28.11 28.16 0.16
C PRO A 266 27.01 29.11 -0.31
N MET A 267 25.79 28.60 -0.43
CA MET A 267 24.65 29.39 -0.91
C MET A 267 24.25 30.58 -0.06
N LEU A 268 24.25 30.41 1.26
CA LEU A 268 23.82 31.49 2.13
C LEU A 268 24.91 32.16 2.94
N GLN A 269 26.11 31.59 2.94
CA GLN A 269 27.21 32.20 3.71
C GLN A 269 28.51 32.39 2.94
N GLY A 270 28.57 31.86 1.72
CA GLY A 270 29.77 32.02 0.90
C GLY A 270 31.00 31.24 1.34
N ALA A 271 30.80 30.12 2.03
CA ALA A 271 31.92 29.31 2.47
C ALA A 271 31.47 27.91 2.92
N TYR A 272 32.34 26.93 2.73
CA TYR A 272 32.05 25.57 3.17
C TYR A 272 32.39 25.55 4.65
N PRO A 273 31.58 24.87 5.47
CA PRO A 273 31.83 24.78 6.90
C PRO A 273 33.20 24.15 7.11
N GLU A 274 34.00 24.72 8.02
CA GLU A 274 35.33 24.18 8.28
C GLU A 274 35.28 22.74 8.79
N ASP A 275 34.29 22.43 9.63
CA ASP A 275 34.18 21.09 10.17
C ASP A 275 33.89 20.07 9.07
N LEU A 276 33.16 20.50 8.04
CA LEU A 276 32.86 19.61 6.93
C LEU A 276 34.13 19.29 6.17
N VAL A 277 34.93 20.32 5.91
CA VAL A 277 36.20 20.14 5.20
C VAL A 277 37.06 19.16 5.99
N LYS A 278 37.10 19.33 7.31
CA LYS A 278 37.88 18.46 8.17
C LYS A 278 37.35 17.02 8.16
N ASP A 279 36.03 16.87 8.22
CA ASP A 279 35.42 15.54 8.21
C ASP A 279 35.71 14.78 6.92
N THR A 280 35.86 15.51 5.82
CA THR A 280 36.11 14.90 4.52
C THR A 280 37.56 14.95 4.06
N ALA A 281 38.46 15.38 4.93
CA ALA A 281 39.88 15.48 4.59
C ALA A 281 40.51 14.17 4.14
N GLY A 282 39.95 13.05 4.56
CA GLY A 282 40.50 11.77 4.16
C GLY A 282 40.01 11.34 2.78
N LEU A 283 39.02 12.05 2.27
CA LEU A 283 38.42 11.75 0.98
C LEU A 283 38.87 12.72 -0.11
N THR A 284 38.91 14.01 0.21
CA THR A 284 39.29 15.01 -0.78
C THR A 284 39.86 16.29 -0.18
N ASP A 285 40.56 17.06 -1.02
CA ASP A 285 41.17 18.31 -0.63
C ASP A 285 40.32 19.48 -1.14
N TRP A 286 39.21 19.16 -1.81
CA TRP A 286 38.31 20.16 -2.36
C TRP A 286 39.02 21.08 -3.36
N SER A 287 39.98 20.53 -4.09
CA SER A 287 40.72 21.32 -5.07
C SER A 287 39.85 21.72 -6.27
N PHE A 288 38.71 21.04 -6.43
CA PHE A 288 37.81 21.35 -7.53
C PHE A 288 37.03 22.64 -7.23
N VAL A 289 37.22 23.17 -6.04
CA VAL A 289 36.57 24.43 -5.66
C VAL A 289 37.52 25.50 -6.17
N ARG A 290 37.24 26.01 -7.37
CA ARG A 290 38.10 27.03 -7.95
C ARG A 290 37.92 28.36 -7.24
N ASP A 291 39.00 29.14 -7.16
CA ASP A 291 38.93 30.43 -6.49
C ASP A 291 37.86 31.30 -7.13
N GLY A 292 36.92 31.74 -6.31
CA GLY A 292 35.82 32.56 -6.80
C GLY A 292 34.51 31.80 -6.85
N ASP A 293 34.57 30.47 -6.81
CA ASP A 293 33.36 29.65 -6.85
C ASP A 293 32.43 29.92 -5.67
N LEU A 294 33.00 30.07 -4.48
CA LEU A 294 32.18 30.31 -3.31
C LEU A 294 31.44 31.64 -3.38
N ARG A 295 32.13 32.66 -3.89
CA ARG A 295 31.51 33.97 -4.03
C ARG A 295 30.36 33.92 -5.04
N LEU A 296 30.55 33.17 -6.11
CA LEU A 296 29.52 33.04 -7.14
C LEU A 296 28.32 32.26 -6.62
N ALA A 297 28.57 31.25 -5.78
CA ALA A 297 27.48 30.46 -5.24
C ALA A 297 26.63 31.25 -4.26
N HIS A 298 27.25 32.22 -3.59
CA HIS A 298 26.58 33.04 -2.56
C HIS A 298 25.82 34.27 -3.07
N GLN A 299 24.61 34.05 -3.60
CA GLN A 299 23.81 35.14 -4.12
C GLN A 299 22.62 35.46 -3.21
N LYS A 300 22.19 36.72 -3.23
CA LYS A 300 21.06 37.15 -2.41
C LYS A 300 19.78 36.51 -2.91
N LEU A 301 19.03 35.91 -1.99
CA LEU A 301 17.76 35.27 -2.34
C LEU A 301 16.61 36.01 -1.68
N ASP A 302 15.43 35.93 -2.28
CA ASP A 302 14.26 36.59 -1.73
C ASP A 302 13.61 35.78 -0.62
N PHE A 303 13.85 34.47 -0.64
CA PHE A 303 13.33 33.56 0.37
C PHE A 303 13.98 32.21 0.17
N LEU A 304 13.92 31.37 1.21
CA LEU A 304 14.48 30.03 1.13
C LEU A 304 13.34 29.02 1.07
N GLY A 305 13.42 28.11 0.11
CA GLY A 305 12.40 27.08 -0.03
C GLY A 305 12.82 25.91 0.84
N VAL A 306 11.92 25.50 1.73
CA VAL A 306 12.18 24.39 2.65
C VAL A 306 11.29 23.19 2.37
N ASN A 307 11.90 22.03 2.21
CA ASN A 307 11.17 20.78 1.98
C ASN A 307 11.36 19.93 3.23
N TYR A 308 10.27 19.35 3.75
CA TYR A 308 10.37 18.51 4.94
C TYR A 308 9.31 17.43 4.96
N TYR A 309 9.70 16.22 5.36
CA TYR A 309 8.77 15.10 5.45
C TYR A 309 8.91 14.34 6.76
N SER A 310 10.15 14.16 7.22
CA SER A 310 10.39 13.40 8.44
C SER A 310 11.75 13.77 9.04
N PRO A 311 11.91 13.56 10.36
CA PRO A 311 13.18 13.89 11.02
C PRO A 311 14.24 12.82 10.78
N THR A 312 15.47 13.12 11.17
CA THR A 312 16.59 12.20 11.03
C THR A 312 17.12 11.91 12.43
N LEU A 313 17.40 10.65 12.72
CA LEU A 313 17.89 10.24 14.04
C LEU A 313 19.22 9.51 13.88
N VAL A 314 20.28 10.05 14.50
CA VAL A 314 21.60 9.45 14.37
C VAL A 314 22.33 9.17 15.68
N SER A 315 23.36 8.34 15.58
CA SER A 315 24.17 7.97 16.74
C SER A 315 25.60 7.67 16.26
N ALA A 332 31.93 3.99 0.33
CA ALA A 332 32.10 3.93 -1.13
C ALA A 332 30.75 3.91 -1.85
N HIS A 333 29.69 3.52 -1.13
CA HIS A 333 28.37 3.47 -1.72
C HIS A 333 27.36 4.16 -0.82
N SER A 334 27.88 5.00 0.09
CA SER A 334 27.03 5.70 1.05
C SER A 334 26.66 7.11 0.60
N PRO A 335 25.48 7.60 1.03
CA PRO A 335 25.11 8.96 0.61
C PRO A 335 25.67 9.98 1.61
N TRP A 336 26.54 9.50 2.51
CA TRP A 336 27.15 10.37 3.52
C TRP A 336 28.67 10.21 3.56
N PRO A 337 29.38 10.73 2.54
CA PRO A 337 30.84 10.66 2.45
C PRO A 337 31.56 11.11 3.71
N GLY A 338 32.40 10.23 4.26
CA GLY A 338 33.15 10.58 5.47
C GLY A 338 32.46 10.36 6.80
N ALA A 339 31.18 10.01 6.78
CA ALA A 339 30.43 9.78 8.01
C ALA A 339 30.09 8.31 8.20
N ASP A 340 31.05 7.44 7.91
CA ASP A 340 30.83 6.00 8.04
C ASP A 340 30.66 5.57 9.49
N ARG A 341 31.16 6.38 10.42
CA ARG A 341 31.05 6.06 11.84
C ARG A 341 29.62 6.25 12.33
N VAL A 342 28.85 7.07 11.61
CA VAL A 342 27.47 7.36 12.00
C VAL A 342 26.46 6.29 11.63
N ALA A 343 25.54 6.02 12.55
CA ALA A 343 24.47 5.04 12.33
C ALA A 343 23.14 5.76 12.37
N PHE A 344 22.21 5.36 11.50
CA PHE A 344 20.89 5.99 11.45
C PHE A 344 19.82 5.07 12.05
N HIS A 345 18.80 5.68 12.65
CA HIS A 345 17.73 4.92 13.29
C HIS A 345 16.34 5.42 12.89
N GLN A 346 15.35 4.55 13.03
CA GLN A 346 13.97 4.90 12.73
C GLN A 346 13.46 5.85 13.80
N PRO A 347 13.08 7.08 13.43
CA PRO A 347 12.58 8.03 14.42
C PRO A 347 11.23 7.52 14.92
N PRO A 348 10.86 7.88 16.16
CA PRO A 348 9.59 7.43 16.73
C PRO A 348 8.38 8.10 16.08
N GLY A 349 7.24 7.41 16.13
CA GLY A 349 6.01 7.94 15.55
C GLY A 349 5.35 6.98 14.59
N GLU A 350 4.12 7.29 14.18
CA GLU A 350 3.41 6.46 13.22
C GLU A 350 4.18 6.62 11.91
N THR A 351 3.92 5.75 10.94
CA THR A 351 4.63 5.84 9.67
C THR A 351 3.70 5.97 8.47
N THR A 352 4.26 6.49 7.38
CA THR A 352 3.52 6.67 6.14
C THR A 352 3.84 5.46 5.27
N ALA A 353 3.32 5.45 4.04
CA ALA A 353 3.58 4.36 3.12
C ALA A 353 5.06 4.25 2.78
N MET A 354 5.80 5.32 3.02
CA MET A 354 7.24 5.33 2.75
C MET A 354 7.94 4.67 3.95
N GLY A 355 7.19 4.52 5.04
CA GLY A 355 7.75 3.95 6.25
C GLY A 355 8.44 5.03 7.04
N TRP A 356 8.28 6.28 6.62
CA TRP A 356 8.90 7.41 7.29
C TRP A 356 8.08 7.77 8.52
N ALA A 357 8.77 8.17 9.59
CA ALA A 357 8.09 8.57 10.81
C ALA A 357 7.34 9.88 10.60
N VAL A 358 6.20 9.99 11.27
CA VAL A 358 5.41 11.21 11.20
C VAL A 358 5.67 11.98 12.48
N ASP A 359 6.37 13.10 12.37
CA ASP A 359 6.70 13.90 13.54
C ASP A 359 6.72 15.37 13.20
N PRO A 360 5.57 16.05 13.36
CA PRO A 360 5.50 17.48 13.05
C PRO A 360 6.42 18.36 13.90
N SER A 361 6.86 17.87 15.05
CA SER A 361 7.74 18.66 15.90
C SER A 361 9.06 18.91 15.18
N GLY A 362 9.42 17.99 14.29
CA GLY A 362 10.66 18.15 13.54
C GLY A 362 10.58 19.37 12.64
N LEU A 363 9.39 19.62 12.10
CA LEU A 363 9.20 20.77 11.21
C LEU A 363 9.27 22.06 12.04
N TYR A 364 8.67 22.04 13.23
CA TYR A 364 8.71 23.22 14.09
C TYR A 364 10.15 23.54 14.48
N GLU A 365 10.87 22.54 14.98
CA GLU A 365 12.26 22.74 15.40
C GLU A 365 13.16 23.18 14.25
N LEU A 366 12.93 22.59 13.09
CA LEU A 366 13.70 22.91 11.88
C LEU A 366 13.51 24.39 11.52
N LEU A 367 12.27 24.85 11.59
CA LEU A 367 11.98 26.23 11.26
C LEU A 367 12.63 27.19 12.25
N ARG A 368 12.65 26.81 13.53
CA ARG A 368 13.26 27.67 14.53
C ARG A 368 14.78 27.74 14.31
N ARG A 369 15.38 26.63 13.91
CA ARG A 369 16.81 26.57 13.64
C ARG A 369 17.12 27.54 12.51
N LEU A 370 16.34 27.47 11.43
CA LEU A 370 16.53 28.35 10.29
C LEU A 370 16.34 29.82 10.65
N SER A 371 15.32 30.12 11.47
CA SER A 371 15.08 31.50 11.87
C SER A 371 16.27 32.03 12.66
N SER A 372 16.89 31.16 13.44
CA SER A 372 18.05 31.53 14.24
C SER A 372 19.30 31.73 13.37
N ASP A 373 19.52 30.81 12.44
CA ASP A 373 20.68 30.88 11.56
C ASP A 373 20.57 31.96 10.48
N PHE A 374 19.37 32.12 9.92
CA PHE A 374 19.16 33.10 8.85
C PHE A 374 17.92 33.94 9.15
N PRO A 375 18.00 34.80 10.18
CA PRO A 375 16.92 35.69 10.63
C PRO A 375 16.29 36.57 9.56
N ALA A 376 17.11 37.06 8.63
CA ALA A 376 16.63 37.95 7.58
C ALA A 376 16.11 37.28 6.32
N LEU A 377 16.14 35.95 6.28
CA LEU A 377 15.69 35.21 5.10
C LEU A 377 14.29 34.62 5.25
N PRO A 378 13.30 35.16 4.52
CA PRO A 378 11.94 34.65 4.60
C PRO A 378 11.91 33.17 4.23
N LEU A 379 10.97 32.42 4.78
CA LEU A 379 10.89 30.99 4.51
C LEU A 379 9.56 30.61 3.87
N VAL A 380 9.61 29.63 2.98
CA VAL A 380 8.42 29.13 2.31
C VAL A 380 8.53 27.61 2.34
N ILE A 381 7.48 26.93 2.77
CA ILE A 381 7.52 25.47 2.77
C ILE A 381 7.16 25.09 1.34
N THR A 382 8.17 24.74 0.53
CA THR A 382 7.93 24.39 -0.86
C THR A 382 7.53 22.94 -1.10
N GLU A 383 7.64 22.10 -0.08
CA GLU A 383 7.25 20.70 -0.15
C GLU A 383 7.04 20.09 1.22
N ASN A 384 5.87 19.48 1.42
CA ASN A 384 5.51 18.78 2.63
C ASN A 384 4.28 17.98 2.25
N GLY A 385 4.25 16.72 2.66
CA GLY A 385 3.12 15.88 2.32
C GLY A 385 3.42 14.46 2.75
N ALA A 386 2.57 13.52 2.36
CA ALA A 386 2.79 12.14 2.76
C ALA A 386 2.19 11.14 1.79
N ALA A 387 2.79 9.96 1.75
CA ALA A 387 2.29 8.89 0.89
C ALA A 387 1.51 7.91 1.74
N PHE A 388 0.33 7.54 1.25
CA PHE A 388 -0.51 6.58 1.92
C PHE A 388 -1.07 5.66 0.83
N HIS A 389 -1.47 4.46 1.20
CA HIS A 389 -1.97 3.50 0.23
C HIS A 389 -3.43 3.76 -0.13
N ASP A 390 -3.63 4.85 -0.85
CA ASP A 390 -4.96 5.27 -1.28
C ASP A 390 -5.56 4.36 -2.35
N TYR A 391 -6.88 4.33 -2.41
CA TYR A 391 -7.59 3.52 -3.38
C TYR A 391 -8.95 4.14 -3.67
N ALA A 392 -9.44 3.91 -4.88
CA ALA A 392 -10.76 4.40 -5.29
C ALA A 392 -11.70 3.24 -5.03
N ASP A 393 -12.80 3.49 -4.32
CA ASP A 393 -13.75 2.44 -4.03
C ASP A 393 -14.75 2.24 -5.16
N PRO A 394 -15.64 1.24 -5.05
CA PRO A 394 -16.63 1.00 -6.10
C PRO A 394 -17.51 2.19 -6.43
N GLU A 395 -17.69 3.08 -5.46
CA GLU A 395 -18.52 4.26 -5.66
C GLU A 395 -17.73 5.43 -6.25
N GLY A 396 -16.44 5.19 -6.51
CA GLY A 396 -15.60 6.21 -7.10
C GLY A 396 -14.96 7.22 -6.16
N ASN A 397 -14.96 6.94 -4.87
CA ASN A 397 -14.36 7.88 -3.92
C ASN A 397 -13.00 7.41 -3.43
N VAL A 398 -12.15 8.38 -3.08
CA VAL A 398 -10.82 8.10 -2.57
C VAL A 398 -10.72 8.80 -1.22
N ASN A 399 -10.83 8.01 -0.14
CA ASN A 399 -10.79 8.57 1.21
C ASN A 399 -9.41 8.44 1.84
N ASP A 400 -8.81 9.58 2.19
CA ASP A 400 -7.48 9.59 2.78
C ASP A 400 -7.40 10.41 4.07
N PRO A 401 -8.16 10.02 5.09
CA PRO A 401 -8.15 10.75 6.36
C PRO A 401 -6.76 10.85 6.98
N GLU A 402 -5.90 9.87 6.69
CA GLU A 402 -4.55 9.88 7.22
C GLU A 402 -3.74 11.05 6.65
N ARG A 403 -3.97 11.39 5.39
CA ARG A 403 -3.25 12.49 4.78
C ARG A 403 -3.74 13.80 5.39
N ILE A 404 -5.05 13.90 5.62
CA ILE A 404 -5.61 15.10 6.22
C ILE A 404 -4.98 15.32 7.60
N ALA A 405 -4.84 14.24 8.36
CA ALA A 405 -4.24 14.33 9.68
C ALA A 405 -2.78 14.78 9.58
N TYR A 406 -2.05 14.20 8.65
CA TYR A 406 -0.65 14.56 8.48
C TYR A 406 -0.47 16.03 8.14
N VAL A 407 -1.22 16.49 7.15
CA VAL A 407 -1.10 17.89 6.75
C VAL A 407 -1.57 18.83 7.85
N ARG A 408 -2.69 18.51 8.48
CA ARG A 408 -3.22 19.34 9.55
C ARG A 408 -2.17 19.49 10.65
N ASP A 409 -1.62 18.37 11.10
CA ASP A 409 -0.62 18.38 12.16
C ASP A 409 0.64 19.15 11.80
N HIS A 410 1.10 19.04 10.56
CA HIS A 410 2.29 19.78 10.16
C HIS A 410 2.01 21.26 9.98
N LEU A 411 0.79 21.60 9.57
CA LEU A 411 0.44 23.01 9.42
C LEU A 411 0.36 23.64 10.81
N ALA A 412 -0.05 22.86 11.80
CA ALA A 412 -0.13 23.35 13.16
C ALA A 412 1.28 23.67 13.65
N ALA A 413 2.24 22.82 13.28
CA ALA A 413 3.62 23.03 13.68
C ALA A 413 4.17 24.28 13.01
N VAL A 414 3.75 24.55 11.78
CA VAL A 414 4.20 25.72 11.06
C VAL A 414 3.61 26.96 11.72
N HIS A 415 2.34 26.88 12.08
CA HIS A 415 1.66 28.00 12.72
C HIS A 415 2.33 28.33 14.04
N ARG A 416 2.75 27.30 14.77
CA ARG A 416 3.40 27.48 16.05
C ARG A 416 4.76 28.17 15.86
N ALA A 417 5.51 27.75 14.84
CA ALA A 417 6.81 28.36 14.56
C ALA A 417 6.60 29.83 14.21
N ILE A 418 5.54 30.11 13.47
CA ILE A 418 5.21 31.47 13.07
C ILE A 418 4.87 32.30 14.32
N LYS A 419 4.11 31.70 15.23
CA LYS A 419 3.73 32.39 16.46
C LYS A 419 4.99 32.74 17.26
N ASP A 420 5.99 31.88 17.17
CA ASP A 420 7.23 32.10 17.90
C ASP A 420 8.25 32.99 17.18
N GLY A 421 7.86 33.54 16.04
CA GLY A 421 8.77 34.44 15.33
C GLY A 421 9.30 34.06 13.97
N SER A 422 9.08 32.81 13.54
CA SER A 422 9.58 32.38 12.24
C SER A 422 8.84 33.06 11.10
N ASP A 423 9.60 33.55 10.13
CA ASP A 423 9.03 34.24 8.98
C ASP A 423 8.67 33.28 7.85
N VAL A 424 7.56 32.57 8.00
CA VAL A 424 7.10 31.62 6.98
C VAL A 424 6.00 32.30 6.17
N ARG A 425 6.19 32.35 4.84
CA ARG A 425 5.23 33.03 3.97
C ARG A 425 4.34 32.16 3.09
N GLY A 426 4.53 30.84 3.12
CA GLY A 426 3.69 30.01 2.30
C GLY A 426 3.86 28.53 2.53
N TYR A 427 2.95 27.74 1.98
CA TYR A 427 2.98 26.30 2.12
C TYR A 427 2.50 25.63 0.84
N PHE A 428 3.32 24.71 0.32
CA PHE A 428 2.97 23.98 -0.89
C PHE A 428 2.90 22.49 -0.58
N LEU A 429 1.71 21.93 -0.71
CA LEU A 429 1.50 20.53 -0.46
C LEU A 429 2.15 19.70 -1.59
N TRP A 430 3.09 18.82 -1.31
CA TRP A 430 3.60 17.92 -2.35
C TRP A 430 2.50 16.91 -2.25
N SER A 431 1.75 16.63 -3.30
CA SER A 431 1.84 17.14 -4.65
C SER A 431 0.33 17.23 -5.00
N LEU A 432 -0.02 17.97 -6.03
CA LEU A 432 -1.39 18.08 -6.47
C LEU A 432 -1.86 16.70 -6.94
N LEU A 433 -0.96 15.95 -7.58
CA LEU A 433 -1.29 14.66 -8.16
C LEU A 433 -0.42 13.49 -7.74
N ASP A 434 -1.00 12.30 -7.75
CA ASP A 434 -0.24 11.09 -7.46
C ASP A 434 0.68 11.09 -8.67
N ASN A 435 1.91 10.62 -8.53
CA ASN A 435 2.82 10.66 -9.67
C ASN A 435 3.95 9.65 -9.57
N PHE A 436 4.88 9.74 -10.52
CA PHE A 436 6.05 8.86 -10.58
C PHE A 436 7.01 9.24 -9.46
N GLU A 437 7.01 8.48 -8.38
CA GLU A 437 7.87 8.78 -7.25
C GLU A 437 9.27 8.17 -7.36
N TRP A 438 9.98 8.62 -8.39
CA TRP A 438 11.36 8.22 -8.63
C TRP A 438 11.65 6.72 -8.54
N ALA A 439 12.59 6.31 -7.69
CA ALA A 439 12.93 4.89 -7.61
C ALA A 439 11.77 4.00 -7.17
N HIS A 440 10.74 4.61 -6.59
CA HIS A 440 9.56 3.87 -6.15
C HIS A 440 8.54 3.71 -7.27
N GLY A 441 8.80 4.37 -8.40
CA GLY A 441 7.85 4.27 -9.49
C GLY A 441 6.50 4.80 -9.04
N TYR A 442 5.42 4.21 -9.54
CA TYR A 442 4.08 4.67 -9.18
C TYR A 442 3.53 4.00 -7.92
N SER A 443 4.37 3.27 -7.21
CA SER A 443 3.94 2.55 -6.01
C SER A 443 3.63 3.43 -4.80
N LYS A 444 4.00 4.70 -4.85
CA LYS A 444 3.75 5.60 -3.73
C LYS A 444 2.93 6.79 -4.17
N ARG A 445 1.77 6.97 -3.53
CA ARG A 445 0.86 8.07 -3.86
C ARG A 445 0.88 9.21 -2.83
N PHE A 446 1.30 10.38 -3.28
CA PHE A 446 1.42 11.60 -2.46
C PHE A 446 0.37 12.66 -2.79
N GLY A 447 -0.43 12.42 -3.81
CA GLY A 447 -1.39 13.42 -4.23
C GLY A 447 -2.62 13.78 -3.42
N ALA A 448 -3.12 14.99 -3.66
CA ALA A 448 -4.35 15.47 -3.06
C ALA A 448 -5.40 14.97 -4.05
N VAL A 449 -4.93 14.70 -5.27
CA VAL A 449 -5.78 14.21 -6.34
C VAL A 449 -5.25 12.85 -6.80
N TYR A 450 -6.14 11.86 -6.77
CA TYR A 450 -5.83 10.49 -7.18
C TYR A 450 -5.75 10.40 -8.70
N VAL A 451 -4.85 9.58 -9.21
CA VAL A 451 -4.72 9.40 -10.65
C VAL A 451 -4.84 7.92 -11.02
N ASP A 452 -5.80 7.59 -11.87
CA ASP A 452 -5.96 6.22 -12.35
C ASP A 452 -5.00 6.19 -13.54
N TYR A 453 -3.81 5.65 -13.34
CA TYR A 453 -2.80 5.67 -14.39
C TYR A 453 -3.15 5.13 -15.78
N PRO A 454 -3.87 4.00 -15.87
CA PRO A 454 -4.20 3.50 -17.21
C PRO A 454 -5.02 4.47 -18.05
N THR A 455 -5.89 5.23 -17.40
CA THR A 455 -6.76 6.17 -18.12
C THR A 455 -6.34 7.63 -17.96
N GLY A 456 -5.64 7.94 -16.88
CA GLY A 456 -5.23 9.31 -16.63
C GLY A 456 -6.31 10.07 -15.88
N THR A 457 -7.40 9.39 -15.54
CA THR A 457 -8.50 10.02 -14.84
C THR A 457 -8.08 10.56 -13.46
N ARG A 458 -8.48 11.79 -13.16
CA ARG A 458 -8.19 12.40 -11.87
C ARG A 458 -9.41 12.33 -10.97
N ILE A 459 -9.19 11.96 -9.72
CA ILE A 459 -10.26 11.88 -8.73
C ILE A 459 -9.80 12.62 -7.48
N PRO A 460 -10.34 13.82 -7.22
CA PRO A 460 -9.92 14.54 -6.02
C PRO A 460 -10.20 13.69 -4.78
N LYS A 461 -9.22 13.59 -3.87
CA LYS A 461 -9.40 12.80 -2.66
C LYS A 461 -10.05 13.66 -1.58
N ALA A 462 -10.40 13.03 -0.47
CA ALA A 462 -11.01 13.76 0.63
C ALA A 462 -10.09 14.91 1.07
N SER A 463 -8.78 14.67 1.06
CA SER A 463 -7.82 15.69 1.46
C SER A 463 -7.86 16.92 0.55
N ALA A 464 -8.23 16.71 -0.71
CA ALA A 464 -8.30 17.83 -1.64
C ALA A 464 -9.42 18.77 -1.21
N ARG A 465 -10.56 18.20 -0.82
CA ARG A 465 -11.68 19.00 -0.39
C ARG A 465 -11.38 19.72 0.94
N TRP A 466 -10.67 19.04 1.82
CA TRP A 466 -10.29 19.60 3.12
C TRP A 466 -9.28 20.74 2.96
N TYR A 467 -8.26 20.49 2.14
CA TYR A 467 -7.23 21.50 1.90
C TYR A 467 -7.81 22.74 1.23
N ALA A 468 -8.74 22.52 0.30
CA ALA A 468 -9.37 23.63 -0.42
C ALA A 468 -10.01 24.59 0.59
N GLU A 469 -10.57 24.04 1.66
CA GLU A 469 -11.22 24.85 2.70
C GLU A 469 -10.18 25.68 3.44
N VAL A 470 -9.04 25.06 3.74
CA VAL A 470 -7.96 25.76 4.42
C VAL A 470 -7.43 26.89 3.54
N ALA A 471 -7.31 26.59 2.25
CA ALA A 471 -6.80 27.57 1.28
C ALA A 471 -7.78 28.71 1.06
N ARG A 472 -9.08 28.43 1.18
CA ARG A 472 -10.10 29.45 0.97
C ARG A 472 -10.38 30.30 2.22
N THR A 473 -10.17 29.72 3.39
CA THR A 473 -10.42 30.43 4.64
C THR A 473 -9.15 30.93 5.32
N GLY A 474 -8.05 30.22 5.10
CA GLY A 474 -6.80 30.59 5.73
C GLY A 474 -6.85 30.14 7.18
N VAL A 475 -7.85 29.33 7.49
CA VAL A 475 -8.05 28.82 8.85
C VAL A 475 -7.83 27.31 8.91
N LEU A 476 -7.10 26.86 9.93
CA LEU A 476 -6.83 25.44 10.11
C LEU A 476 -7.71 24.88 11.23
N PRO A 477 -8.69 24.03 10.90
CA PRO A 477 -9.56 23.45 11.92
C PRO A 477 -8.83 22.45 12.82
N THR A 478 -7.87 21.81 12.32
N ALA B 15 13.48 -27.12 -10.46
CA ALA B 15 11.99 -27.18 -10.60
C ALA B 15 11.42 -28.33 -9.77
N LEU B 16 10.24 -28.09 -9.20
CA LEU B 16 9.55 -29.10 -8.39
C LEU B 16 8.29 -29.49 -9.13
N THR B 17 8.08 -30.79 -9.31
CA THR B 17 6.90 -31.26 -10.03
C THR B 17 5.85 -31.80 -9.07
N PHE B 18 4.64 -31.25 -9.16
CA PHE B 18 3.54 -31.70 -8.31
C PHE B 18 2.88 -32.91 -8.95
N PRO B 19 2.18 -33.72 -8.14
CA PRO B 19 1.51 -34.91 -8.68
C PRO B 19 0.62 -34.48 -9.84
N GLU B 20 0.62 -35.25 -10.91
CA GLU B 20 -0.17 -34.90 -12.09
C GLU B 20 -1.64 -34.67 -11.76
N GLY B 21 -2.14 -35.34 -10.72
CA GLY B 21 -3.54 -35.17 -10.35
C GLY B 21 -3.82 -34.02 -9.39
N PHE B 22 -2.77 -33.34 -8.94
CA PHE B 22 -2.92 -32.22 -8.02
C PHE B 22 -3.87 -31.18 -8.61
N LEU B 23 -4.80 -30.69 -7.80
CA LEU B 23 -5.78 -29.71 -8.27
C LEU B 23 -5.34 -28.27 -8.04
N TRP B 24 -5.39 -27.47 -9.10
CA TRP B 24 -5.00 -26.06 -9.03
C TRP B 24 -6.20 -25.15 -9.21
N GLY B 25 -6.45 -24.28 -8.23
CA GLY B 25 -7.58 -23.38 -8.34
C GLY B 25 -7.37 -22.02 -7.70
N SER B 26 -8.46 -21.27 -7.61
CA SER B 26 -8.45 -19.96 -6.98
C SER B 26 -9.73 -19.92 -6.16
N ALA B 27 -9.80 -19.03 -5.18
CA ALA B 27 -10.97 -18.96 -4.32
C ALA B 27 -11.50 -17.55 -4.08
N THR B 28 -12.79 -17.48 -3.78
CA THR B 28 -13.49 -16.22 -3.50
C THR B 28 -14.60 -16.52 -2.49
N ALA B 29 -15.30 -15.47 -2.05
CA ALA B 29 -16.43 -15.61 -1.14
C ALA B 29 -17.51 -14.66 -1.65
N SER B 30 -18.77 -15.04 -1.47
CA SER B 30 -19.91 -14.27 -1.95
C SER B 30 -19.96 -12.78 -1.64
N TYR B 31 -19.95 -12.41 -0.36
CA TYR B 31 -20.05 -11.00 -0.02
C TYR B 31 -18.81 -10.21 -0.43
N GLN B 32 -17.69 -10.89 -0.53
CA GLN B 32 -16.46 -10.21 -0.90
C GLN B 32 -16.41 -9.80 -2.37
N ILE B 33 -17.10 -10.52 -3.25
CA ILE B 33 -17.04 -10.20 -4.67
C ILE B 33 -18.33 -9.90 -5.44
N GLU B 34 -19.45 -10.46 -4.99
CA GLU B 34 -20.71 -10.33 -5.73
C GLU B 34 -21.36 -8.98 -6.00
N GLY B 35 -21.49 -8.14 -4.98
CA GLY B 35 -22.17 -6.88 -5.19
C GLY B 35 -23.65 -7.17 -5.33
N ALA B 36 -24.40 -6.32 -6.04
CA ALA B 36 -25.84 -6.52 -6.22
C ALA B 36 -26.48 -6.98 -4.90
N ALA B 37 -26.10 -6.29 -3.83
CA ALA B 37 -26.56 -6.60 -2.48
C ALA B 37 -28.07 -6.57 -2.25
N ALA B 38 -28.80 -5.81 -3.04
CA ALA B 38 -30.26 -5.73 -2.86
C ALA B 38 -31.04 -6.11 -4.11
N GLU B 39 -30.41 -6.88 -5.00
CA GLU B 39 -31.07 -7.30 -6.23
C GLU B 39 -31.64 -8.70 -6.17
N ASP B 40 -32.64 -8.93 -7.01
CA ASP B 40 -33.30 -10.23 -7.14
C ASP B 40 -33.77 -10.88 -5.84
N GLY B 41 -34.17 -10.05 -4.87
CA GLY B 41 -34.68 -10.60 -3.63
C GLY B 41 -33.70 -10.77 -2.48
N ARG B 42 -32.41 -10.52 -2.72
CA ARG B 42 -31.43 -10.65 -1.65
C ARG B 42 -31.65 -9.59 -0.58
N THR B 43 -31.65 -10.01 0.67
CA THR B 43 -31.83 -9.08 1.79
C THR B 43 -30.55 -9.10 2.62
N PRO B 44 -30.35 -8.08 3.47
CA PRO B 44 -29.17 -7.95 4.31
C PRO B 44 -28.67 -9.14 5.12
N SER B 45 -27.37 -9.37 5.05
CA SER B 45 -26.72 -10.43 5.83
C SER B 45 -26.12 -9.63 6.99
N ILE B 46 -25.60 -10.31 8.00
CA ILE B 46 -25.01 -9.60 9.12
C ILE B 46 -23.87 -8.69 8.67
N TRP B 47 -23.21 -9.02 7.56
CA TRP B 47 -22.12 -8.17 7.10
C TRP B 47 -22.60 -6.89 6.42
N ASP B 48 -23.81 -6.92 5.84
CA ASP B 48 -24.36 -5.72 5.22
C ASP B 48 -24.61 -4.76 6.37
N THR B 49 -25.23 -5.28 7.42
CA THR B 49 -25.56 -4.49 8.61
C THR B 49 -24.29 -3.98 9.30
N TYR B 50 -23.30 -4.86 9.44
CA TYR B 50 -22.04 -4.52 10.07
C TYR B 50 -21.30 -3.43 9.30
N ALA B 51 -21.22 -3.58 7.99
CA ALA B 51 -20.53 -2.61 7.15
C ALA B 51 -21.19 -1.24 7.17
N ARG B 52 -22.50 -1.22 7.39
CA ARG B 52 -23.23 0.04 7.46
C ARG B 52 -23.01 0.73 8.80
N THR B 53 -22.45 0.02 9.76
CA THR B 53 -22.21 0.56 11.09
C THR B 53 -20.94 1.41 11.12
N PRO B 54 -21.06 2.71 11.41
CA PRO B 54 -19.92 3.62 11.45
C PRO B 54 -18.75 3.11 12.31
N GLY B 55 -17.55 3.13 11.74
CA GLY B 55 -16.36 2.71 12.45
C GLY B 55 -16.00 1.24 12.39
N ARG B 56 -16.90 0.41 11.86
CA ARG B 56 -16.65 -1.03 11.77
C ARG B 56 -15.77 -1.47 10.61
N VAL B 57 -15.89 -0.80 9.48
CA VAL B 57 -15.10 -1.15 8.30
C VAL B 57 -14.31 0.06 7.79
N ARG B 58 -13.07 -0.19 7.39
CA ARG B 58 -12.20 0.86 6.88
C ARG B 58 -12.91 1.81 5.90
N ASN B 59 -12.83 3.10 6.19
CA ASN B 59 -13.46 4.14 5.36
C ASN B 59 -14.95 4.00 5.08
N GLY B 60 -15.63 3.16 5.85
CA GLY B 60 -17.06 2.97 5.63
C GLY B 60 -17.36 2.16 4.38
N ASP B 61 -16.39 1.40 3.89
CA ASP B 61 -16.56 0.57 2.71
C ASP B 61 -17.63 -0.50 2.97
N THR B 62 -18.32 -0.93 1.91
CA THR B 62 -19.31 -2.00 2.04
C THR B 62 -19.23 -2.85 0.78
N GLY B 63 -19.88 -4.01 0.83
CA GLY B 63 -19.87 -4.90 -0.33
C GLY B 63 -21.08 -4.67 -1.22
N ASP B 64 -21.67 -3.47 -1.16
CA ASP B 64 -22.84 -3.18 -1.99
C ASP B 64 -22.58 -3.48 -3.46
N VAL B 65 -21.40 -3.09 -3.94
CA VAL B 65 -21.01 -3.30 -5.33
C VAL B 65 -19.83 -4.27 -5.46
N ALA B 66 -18.83 -4.11 -4.60
CA ALA B 66 -17.64 -4.98 -4.64
C ALA B 66 -17.07 -5.06 -6.06
N THR B 67 -16.91 -6.27 -6.59
CA THR B 67 -16.38 -6.42 -7.94
C THR B 67 -17.49 -6.56 -8.98
N ASP B 68 -18.74 -6.47 -8.54
CA ASP B 68 -19.89 -6.58 -9.45
C ASP B 68 -19.93 -7.94 -10.14
N HIS B 69 -19.43 -8.95 -9.44
CA HIS B 69 -19.38 -10.32 -9.98
C HIS B 69 -20.76 -10.92 -10.25
N TYR B 70 -21.76 -10.58 -9.43
CA TYR B 70 -23.09 -11.13 -9.66
C TYR B 70 -23.54 -10.82 -11.09
N HIS B 71 -23.08 -9.71 -11.62
CA HIS B 71 -23.43 -9.34 -12.98
C HIS B 71 -22.38 -9.77 -14.00
N ARG B 72 -21.12 -9.61 -13.65
CA ARG B 72 -20.01 -9.90 -14.57
C ARG B 72 -19.34 -11.27 -14.51
N TRP B 73 -19.94 -12.20 -13.76
CA TRP B 73 -19.40 -13.54 -13.59
C TRP B 73 -18.89 -14.27 -14.84
N ARG B 74 -19.56 -14.11 -15.97
CA ARG B 74 -19.13 -14.78 -17.19
C ARG B 74 -17.71 -14.39 -17.60
N GLU B 75 -17.37 -13.13 -17.35
CA GLU B 75 -16.05 -12.62 -17.66
C GLU B 75 -15.02 -13.25 -16.73
N ASP B 76 -15.40 -13.45 -15.47
CA ASP B 76 -14.48 -14.04 -14.51
C ASP B 76 -14.22 -15.52 -14.78
N VAL B 77 -15.26 -16.26 -15.18
CA VAL B 77 -15.06 -17.67 -15.48
C VAL B 77 -14.17 -17.75 -16.73
N ALA B 78 -14.36 -16.81 -17.66
CA ALA B 78 -13.56 -16.79 -18.88
C ALA B 78 -12.09 -16.57 -18.55
N LEU B 79 -11.81 -15.72 -17.57
CA LEU B 79 -10.43 -15.47 -17.17
C LEU B 79 -9.83 -16.72 -16.54
N MET B 80 -10.61 -17.43 -15.73
CA MET B 80 -10.14 -18.65 -15.10
C MET B 80 -9.72 -19.67 -16.16
N ALA B 81 -10.54 -19.80 -17.21
CA ALA B 81 -10.26 -20.72 -18.29
C ALA B 81 -9.00 -20.30 -19.02
N GLU B 82 -8.86 -18.99 -19.22
CA GLU B 82 -7.69 -18.42 -19.90
C GLU B 82 -6.44 -18.79 -19.11
N LEU B 83 -6.55 -18.80 -17.79
CA LEU B 83 -5.44 -19.13 -16.89
C LEU B 83 -5.27 -20.64 -16.68
N GLY B 84 -6.12 -21.44 -17.33
CA GLY B 84 -6.03 -22.88 -17.22
C GLY B 84 -6.24 -23.51 -15.86
N LEU B 85 -6.95 -22.82 -14.97
CA LEU B 85 -7.21 -23.35 -13.63
C LEU B 85 -8.13 -24.56 -13.71
N GLY B 86 -7.90 -25.54 -12.83
CA GLY B 86 -8.72 -26.74 -12.84
C GLY B 86 -9.93 -26.72 -11.93
N ALA B 87 -9.96 -25.76 -11.00
CA ALA B 87 -11.08 -25.66 -10.07
C ALA B 87 -11.30 -24.24 -9.60
N TYR B 88 -12.51 -23.97 -9.13
CA TYR B 88 -12.87 -22.65 -8.63
C TYR B 88 -13.66 -22.84 -7.35
N ARG B 89 -13.16 -22.28 -6.26
CA ARG B 89 -13.83 -22.36 -4.97
C ARG B 89 -14.56 -21.05 -4.73
N PHE B 90 -15.87 -21.14 -4.51
CA PHE B 90 -16.70 -19.97 -4.27
C PHE B 90 -17.70 -20.28 -3.17
N SER B 91 -18.32 -19.26 -2.59
CA SER B 91 -19.31 -19.52 -1.55
C SER B 91 -20.70 -19.15 -2.05
N LEU B 92 -21.70 -19.80 -1.47
CA LEU B 92 -23.08 -19.57 -1.83
C LEU B 92 -23.66 -18.55 -0.85
N ALA B 93 -24.35 -17.55 -1.37
CA ALA B 93 -24.93 -16.53 -0.50
C ALA B 93 -26.30 -16.97 0.03
N TRP B 94 -26.33 -17.36 1.30
CA TRP B 94 -27.58 -17.79 1.93
C TRP B 94 -28.63 -16.69 1.72
N PRO B 95 -28.24 -15.41 1.87
CA PRO B 95 -29.18 -14.30 1.69
C PRO B 95 -29.88 -14.26 0.33
N ARG B 96 -29.23 -14.79 -0.70
CA ARG B 96 -29.82 -14.82 -2.04
C ARG B 96 -30.73 -16.01 -2.23
N ILE B 97 -30.34 -17.12 -1.60
CA ILE B 97 -31.07 -18.36 -1.72
C ILE B 97 -32.28 -18.46 -0.79
N GLN B 98 -32.13 -17.92 0.42
CA GLN B 98 -33.21 -17.94 1.41
C GLN B 98 -33.06 -16.68 2.27
N PRO B 99 -33.54 -15.54 1.76
CA PRO B 99 -33.48 -14.23 2.42
C PRO B 99 -33.57 -14.14 3.94
N THR B 100 -34.57 -14.78 4.53
CA THR B 100 -34.75 -14.72 5.98
C THR B 100 -34.06 -15.86 6.73
N GLY B 101 -33.41 -16.77 6.01
CA GLY B 101 -32.76 -17.88 6.65
C GLY B 101 -33.73 -19.04 6.83
N ARG B 102 -34.96 -18.83 6.37
CA ARG B 102 -36.00 -19.84 6.43
C ARG B 102 -37.03 -19.55 5.34
N GLY B 103 -37.98 -20.46 5.18
CA GLY B 103 -39.00 -20.25 4.17
C GLY B 103 -38.63 -20.66 2.76
N PRO B 104 -39.37 -20.14 1.77
CA PRO B 104 -39.15 -20.44 0.35
C PRO B 104 -37.77 -20.06 -0.17
N ALA B 105 -37.21 -20.93 -0.99
CA ALA B 105 -35.91 -20.65 -1.58
C ALA B 105 -36.22 -19.85 -2.84
N LEU B 106 -35.41 -18.82 -3.11
CA LEU B 106 -35.62 -18.01 -4.30
C LEU B 106 -34.94 -18.68 -5.48
N GLN B 107 -35.71 -18.95 -6.53
CA GLN B 107 -35.15 -19.58 -7.71
C GLN B 107 -34.12 -18.70 -8.42
N LYS B 108 -34.31 -17.38 -8.36
CA LYS B 108 -33.37 -16.46 -8.99
C LYS B 108 -32.01 -16.61 -8.34
N GLY B 109 -31.99 -16.79 -7.02
CA GLY B 109 -30.73 -16.95 -6.32
C GLY B 109 -30.08 -18.25 -6.69
N LEU B 110 -30.86 -19.34 -6.66
CA LEU B 110 -30.35 -20.65 -6.99
C LEU B 110 -29.90 -20.68 -8.44
N ASP B 111 -30.64 -20.00 -9.31
CA ASP B 111 -30.33 -19.94 -10.74
C ASP B 111 -28.98 -19.29 -11.01
N PHE B 112 -28.61 -18.31 -10.20
CA PHE B 112 -27.33 -17.65 -10.39
C PHE B 112 -26.22 -18.69 -10.22
N TYR B 113 -26.31 -19.49 -9.17
CA TYR B 113 -25.29 -20.50 -8.91
C TYR B 113 -25.36 -21.69 -9.86
N ARG B 114 -26.55 -22.00 -10.36
CA ARG B 114 -26.69 -23.11 -11.31
C ARG B 114 -25.97 -22.70 -12.59
N ARG B 115 -26.24 -21.49 -13.06
CA ARG B 115 -25.60 -20.96 -14.26
C ARG B 115 -24.09 -20.89 -14.09
N LEU B 116 -23.64 -20.44 -12.93
CA LEU B 116 -22.22 -20.32 -12.66
C LEU B 116 -21.56 -21.69 -12.75
N ALA B 117 -22.14 -22.67 -12.04
CA ALA B 117 -21.60 -24.02 -12.05
C ALA B 117 -21.56 -24.61 -13.47
N ASP B 118 -22.62 -24.37 -14.24
CA ASP B 118 -22.67 -24.88 -15.61
C ASP B 118 -21.58 -24.26 -16.47
N GLU B 119 -21.35 -22.95 -16.28
CA GLU B 119 -20.34 -22.25 -17.06
C GLU B 119 -18.94 -22.79 -16.73
N LEU B 120 -18.67 -23.01 -15.45
CA LEU B 120 -17.39 -23.55 -15.03
C LEU B 120 -17.18 -24.93 -15.66
N LEU B 121 -18.19 -25.79 -15.58
CA LEU B 121 -18.08 -27.13 -16.13
C LEU B 121 -17.87 -27.11 -17.65
N ALA B 122 -18.53 -26.19 -18.33
CA ALA B 122 -18.41 -26.09 -19.78
C ALA B 122 -16.99 -25.76 -20.19
N LYS B 123 -16.23 -25.15 -19.28
CA LYS B 123 -14.86 -24.81 -19.60
C LYS B 123 -13.85 -25.67 -18.86
N GLY B 124 -14.31 -26.84 -18.41
CA GLY B 124 -13.46 -27.78 -17.71
C GLY B 124 -12.95 -27.38 -16.34
N ILE B 125 -13.70 -26.52 -15.66
CA ILE B 125 -13.31 -26.05 -14.33
C ILE B 125 -14.23 -26.67 -13.28
N GLN B 126 -13.64 -27.34 -12.29
CA GLN B 126 -14.39 -28.00 -11.23
C GLN B 126 -14.95 -27.01 -10.22
N PRO B 127 -16.29 -27.00 -10.05
CA PRO B 127 -16.92 -26.08 -9.09
C PRO B 127 -16.78 -26.66 -7.68
N VAL B 128 -16.34 -25.83 -6.74
CA VAL B 128 -16.20 -26.25 -5.34
C VAL B 128 -16.96 -25.20 -4.54
N ALA B 129 -18.09 -25.60 -3.97
CA ALA B 129 -18.94 -24.65 -3.24
C ALA B 129 -18.88 -24.69 -1.72
N THR B 130 -18.79 -23.51 -1.12
CA THR B 130 -18.77 -23.37 0.34
C THR B 130 -20.16 -22.86 0.70
N LEU B 131 -20.85 -23.58 1.59
CA LEU B 131 -22.19 -23.18 1.99
C LEU B 131 -22.22 -21.88 2.80
N TYR B 132 -21.28 -21.76 3.74
CA TYR B 132 -21.26 -20.58 4.59
C TYR B 132 -19.93 -19.88 4.72
N HIS B 133 -19.85 -18.66 4.19
CA HIS B 133 -18.64 -17.89 4.30
C HIS B 133 -18.97 -16.53 4.93
N TRP B 134 -19.62 -16.62 6.10
CA TRP B 134 -19.97 -15.49 6.97
C TRP B 134 -21.18 -14.60 6.71
N ASP B 135 -21.83 -14.74 5.55
CA ASP B 135 -22.98 -13.89 5.27
C ASP B 135 -24.30 -14.45 5.79
N LEU B 136 -24.40 -14.51 7.11
CA LEU B 136 -25.60 -15.02 7.77
C LEU B 136 -26.77 -14.07 7.58
N PRO B 137 -27.95 -14.61 7.22
CA PRO B 137 -29.12 -13.74 7.02
C PRO B 137 -29.36 -12.97 8.32
N GLN B 138 -29.59 -11.67 8.20
CA GLN B 138 -29.78 -10.83 9.39
C GLN B 138 -30.87 -11.34 10.33
N GLU B 139 -31.96 -11.85 9.77
CA GLU B 139 -33.05 -12.37 10.60
C GLU B 139 -32.59 -13.45 11.57
N LEU B 140 -31.65 -14.29 11.14
CA LEU B 140 -31.17 -15.34 12.02
C LEU B 140 -30.36 -14.76 13.15
N GLU B 141 -29.71 -13.63 12.90
CA GLU B 141 -28.92 -12.96 13.94
C GLU B 141 -29.88 -12.28 14.91
N ASN B 142 -30.95 -11.69 14.38
CA ASN B 142 -31.93 -11.04 15.24
C ASN B 142 -32.54 -12.05 16.20
N ALA B 143 -32.59 -13.31 15.76
CA ALA B 143 -33.15 -14.37 16.58
C ALA B 143 -32.14 -15.01 17.52
N GLY B 144 -30.91 -14.51 17.52
CA GLY B 144 -29.89 -15.05 18.41
C GLY B 144 -28.54 -15.29 17.77
N GLY B 145 -28.52 -15.49 16.45
CA GLY B 145 -27.27 -15.72 15.76
C GLY B 145 -26.70 -17.08 16.07
N TRP B 146 -25.39 -17.24 15.86
CA TRP B 146 -24.76 -18.53 16.12
C TRP B 146 -24.81 -19.00 17.57
N PRO B 147 -24.96 -18.06 18.54
CA PRO B 147 -25.03 -18.52 19.92
C PRO B 147 -26.34 -19.26 20.19
N GLU B 148 -27.26 -19.16 19.23
CA GLU B 148 -28.56 -19.82 19.35
C GLU B 148 -28.56 -21.10 18.52
N ARG B 149 -28.92 -22.21 19.18
CA ARG B 149 -28.94 -23.53 18.56
C ARG B 149 -29.73 -23.67 17.26
N ALA B 150 -30.86 -22.96 17.17
CA ALA B 150 -31.70 -23.03 15.98
C ALA B 150 -30.96 -22.68 14.70
N THR B 151 -29.94 -21.83 14.82
CA THR B 151 -29.16 -21.41 13.68
C THR B 151 -28.48 -22.62 13.03
N ALA B 152 -28.00 -23.53 13.86
CA ALA B 152 -27.34 -24.73 13.36
C ALA B 152 -28.37 -25.58 12.61
N GLU B 153 -29.57 -25.67 13.14
CA GLU B 153 -30.63 -26.46 12.49
C GLU B 153 -31.01 -25.82 11.15
N ARG B 154 -31.15 -24.51 11.14
CA ARG B 154 -31.53 -23.81 9.91
C ARG B 154 -30.44 -23.93 8.85
N PHE B 155 -29.19 -23.93 9.30
CA PHE B 155 -28.07 -24.06 8.36
C PHE B 155 -28.14 -25.42 7.65
N ALA B 156 -28.45 -26.47 8.39
CA ALA B 156 -28.54 -27.81 7.81
C ALA B 156 -29.68 -27.92 6.79
N GLU B 157 -30.79 -27.24 7.03
CA GLU B 157 -31.91 -27.27 6.10
C GLU B 157 -31.54 -26.49 4.84
N TYR B 158 -30.67 -25.49 4.99
CA TYR B 158 -30.20 -24.68 3.87
C TYR B 158 -29.25 -25.54 3.04
N ALA B 159 -28.46 -26.38 3.71
CA ALA B 159 -27.53 -27.26 3.01
C ALA B 159 -28.29 -28.19 2.06
N ALA B 160 -29.43 -28.68 2.51
CA ALA B 160 -30.24 -29.58 1.69
C ALA B 160 -30.80 -28.86 0.48
N ILE B 161 -31.24 -27.62 0.67
CA ILE B 161 -31.79 -26.81 -0.42
C ILE B 161 -30.73 -26.61 -1.50
N ALA B 162 -29.51 -26.31 -1.08
CA ALA B 162 -28.40 -26.09 -2.01
C ALA B 162 -28.04 -27.38 -2.75
N ALA B 163 -27.96 -28.48 -2.02
CA ALA B 163 -27.62 -29.77 -2.62
C ALA B 163 -28.64 -30.20 -3.66
N ASP B 164 -29.93 -30.00 -3.37
CA ASP B 164 -30.98 -30.38 -4.31
C ASP B 164 -30.88 -29.58 -5.59
N ALA B 165 -30.57 -28.30 -5.47
CA ALA B 165 -30.48 -27.42 -6.62
C ALA B 165 -29.19 -27.53 -7.43
N LEU B 166 -28.09 -27.86 -6.77
CA LEU B 166 -26.80 -27.89 -7.44
C LEU B 166 -26.08 -29.23 -7.48
N GLY B 167 -26.63 -30.22 -6.80
CA GLY B 167 -26.01 -31.54 -6.73
C GLY B 167 -25.63 -32.22 -8.04
N ASP B 168 -26.33 -31.91 -9.12
CA ASP B 168 -26.03 -32.51 -10.42
C ASP B 168 -24.84 -31.85 -11.10
N ARG B 169 -24.40 -30.72 -10.55
CA ARG B 169 -23.28 -29.97 -11.12
C ARG B 169 -22.08 -29.87 -10.19
N VAL B 170 -22.34 -29.50 -8.94
CA VAL B 170 -21.29 -29.34 -7.93
C VAL B 170 -21.07 -30.67 -7.21
N LYS B 171 -19.86 -31.21 -7.32
CA LYS B 171 -19.53 -32.48 -6.70
C LYS B 171 -18.63 -32.35 -5.48
N THR B 172 -18.18 -31.14 -5.20
CA THR B 172 -17.30 -30.91 -4.04
C THR B 172 -17.91 -29.82 -3.18
N TRP B 173 -18.16 -30.15 -1.92
CA TRP B 173 -18.81 -29.25 -0.99
C TRP B 173 -18.09 -28.98 0.32
N THR B 174 -18.15 -27.73 0.77
CA THR B 174 -17.56 -27.31 2.03
C THR B 174 -18.68 -26.70 2.85
N THR B 175 -18.79 -27.10 4.11
CA THR B 175 -19.85 -26.59 4.97
C THR B 175 -19.58 -25.15 5.40
N LEU B 176 -18.55 -25.00 6.23
CA LEU B 176 -18.18 -23.70 6.76
C LEU B 176 -16.77 -23.28 6.36
N ASN B 177 -16.56 -21.97 6.33
CA ASN B 177 -15.25 -21.42 6.06
C ASN B 177 -14.83 -20.68 7.31
N GLU B 178 -13.71 -21.09 7.89
CA GLU B 178 -13.14 -20.46 9.07
C GLU B 178 -14.12 -20.12 10.19
N PRO B 179 -14.70 -21.15 10.81
CA PRO B 179 -15.65 -20.93 11.91
C PRO B 179 -15.00 -20.18 13.09
N TRP B 180 -13.69 -20.25 13.21
CA TRP B 180 -13.01 -19.55 14.30
C TRP B 180 -13.30 -18.06 14.19
N CYS B 181 -13.19 -17.52 12.98
CA CYS B 181 -13.46 -16.10 12.78
C CYS B 181 -14.91 -15.80 13.09
N SER B 182 -15.82 -16.59 12.55
CA SER B 182 -17.25 -16.38 12.79
C SER B 182 -17.59 -16.33 14.27
N ALA B 183 -17.06 -17.27 15.04
CA ALA B 183 -17.36 -17.33 16.46
C ALA B 183 -16.64 -16.30 17.31
N PHE B 184 -15.33 -16.29 17.25
CA PHE B 184 -14.53 -15.41 18.10
C PHE B 184 -14.34 -13.96 17.64
N LEU B 185 -14.26 -13.72 16.34
CA LEU B 185 -14.13 -12.34 15.89
C LEU B 185 -15.54 -11.76 15.80
N GLY B 186 -16.51 -12.61 15.47
CA GLY B 186 -17.88 -12.16 15.36
C GLY B 186 -18.62 -11.95 16.67
N TYR B 187 -18.34 -12.79 17.67
CA TYR B 187 -19.03 -12.66 18.95
C TYR B 187 -18.12 -12.45 20.16
N GLY B 188 -16.81 -12.58 19.95
CA GLY B 188 -15.88 -12.40 21.05
C GLY B 188 -15.29 -11.00 21.10
N SER B 189 -14.51 -10.64 20.09
CA SER B 189 -13.89 -9.33 20.04
C SER B 189 -14.78 -8.35 19.28
N GLY B 190 -15.73 -8.88 18.52
CA GLY B 190 -16.64 -8.04 17.77
C GLY B 190 -16.07 -7.30 16.58
N VAL B 191 -14.88 -7.68 16.13
CA VAL B 191 -14.27 -7.00 14.98
C VAL B 191 -14.82 -7.48 13.64
N HIS B 192 -15.63 -8.54 13.68
CA HIS B 192 -16.30 -9.06 12.48
C HIS B 192 -17.79 -9.09 12.79
N ALA B 193 -18.61 -9.19 11.75
CA ALA B 193 -20.05 -9.23 11.95
C ALA B 193 -20.38 -10.47 12.78
N PRO B 194 -21.40 -10.40 13.65
CA PRO B 194 -22.29 -9.26 13.88
C PRO B 194 -21.74 -8.17 14.81
N GLY B 195 -20.54 -8.37 15.34
CA GLY B 195 -19.94 -7.35 16.20
C GLY B 195 -20.24 -7.45 17.69
N ARG B 196 -20.54 -8.64 18.16
CA ARG B 196 -20.83 -8.83 19.58
C ARG B 196 -19.57 -9.12 20.37
N THR B 197 -19.61 -8.82 21.67
CA THR B 197 -18.45 -9.01 22.54
C THR B 197 -18.84 -9.70 23.85
N ASP B 198 -18.90 -11.02 23.81
CA ASP B 198 -19.26 -11.81 24.98
C ASP B 198 -18.53 -13.14 24.84
N PRO B 199 -17.62 -13.45 25.77
CA PRO B 199 -16.87 -14.71 25.68
C PRO B 199 -17.76 -15.96 25.65
N VAL B 200 -18.86 -15.95 26.39
CA VAL B 200 -19.75 -17.11 26.40
C VAL B 200 -20.48 -17.21 25.06
N ALA B 201 -20.88 -16.07 24.51
CA ALA B 201 -21.56 -16.07 23.22
C ALA B 201 -20.63 -16.67 22.18
N ALA B 202 -19.35 -16.31 22.26
CA ALA B 202 -18.37 -16.83 21.30
C ALA B 202 -18.22 -18.34 21.41
N LEU B 203 -18.18 -18.86 22.64
CA LEU B 203 -18.05 -20.29 22.83
C LEU B 203 -19.31 -21.03 22.38
N ARG B 204 -20.48 -20.43 22.61
CA ARG B 204 -21.73 -21.06 22.18
C ARG B 204 -21.76 -21.08 20.65
N ALA B 205 -21.32 -19.99 20.04
CA ALA B 205 -21.29 -19.90 18.59
C ALA B 205 -20.36 -20.98 18.04
N ALA B 206 -19.22 -21.16 18.69
CA ALA B 206 -18.28 -22.19 18.25
C ALA B 206 -18.94 -23.55 18.29
N HIS B 207 -19.68 -23.83 19.35
CA HIS B 207 -20.33 -25.14 19.42
C HIS B 207 -21.39 -25.33 18.35
N HIS B 208 -22.18 -24.29 18.11
CA HIS B 208 -23.23 -24.41 17.12
C HIS B 208 -22.70 -24.43 15.69
N LEU B 209 -21.46 -23.96 15.50
CA LEU B 209 -20.86 -24.03 14.17
C LEU B 209 -20.41 -25.48 14.03
N ASN B 210 -19.87 -26.04 15.11
CA ASN B 210 -19.46 -27.45 15.11
C ASN B 210 -20.69 -28.30 14.81
N LEU B 211 -21.78 -28.00 15.51
CA LEU B 211 -23.03 -28.73 15.34
C LEU B 211 -23.60 -28.53 13.93
N GLY B 212 -23.70 -27.27 13.52
CA GLY B 212 -24.23 -26.97 12.20
C GLY B 212 -23.45 -27.70 11.11
N HIS B 213 -22.13 -27.73 11.27
CA HIS B 213 -21.28 -28.41 10.31
C HIS B 213 -21.70 -29.87 10.17
N GLY B 214 -21.78 -30.57 11.31
CA GLY B 214 -22.16 -31.97 11.28
C GLY B 214 -23.52 -32.25 10.68
N LEU B 215 -24.51 -31.44 11.06
CA LEU B 215 -25.86 -31.62 10.54
C LEU B 215 -25.89 -31.36 9.05
N ALA B 216 -25.08 -30.40 8.60
CA ALA B 216 -25.02 -30.07 7.17
C ALA B 216 -24.41 -31.23 6.39
N VAL B 217 -23.34 -31.82 6.91
CA VAL B 217 -22.72 -32.94 6.22
C VAL B 217 -23.75 -34.07 6.10
N GLN B 218 -24.50 -34.33 7.17
CA GLN B 218 -25.52 -35.37 7.11
C GLN B 218 -26.49 -35.08 5.96
N ALA B 219 -26.94 -33.83 5.88
CA ALA B 219 -27.87 -33.41 4.83
C ALA B 219 -27.25 -33.56 3.44
N LEU B 220 -26.00 -33.15 3.30
CA LEU B 220 -25.31 -33.25 2.01
C LEU B 220 -25.19 -34.71 1.57
N ARG B 221 -24.72 -35.56 2.48
CA ARG B 221 -24.55 -36.98 2.16
C ARG B 221 -25.88 -37.57 1.70
N ASP B 222 -26.97 -37.13 2.31
CA ASP B 222 -28.29 -37.64 1.98
C ASP B 222 -28.85 -37.17 0.64
N ARG B 223 -28.59 -35.92 0.28
CA ARG B 223 -29.13 -35.36 -0.96
C ARG B 223 -28.19 -35.32 -2.16
N LEU B 224 -26.91 -35.63 -1.96
CA LEU B 224 -25.95 -35.62 -3.05
C LEU B 224 -25.61 -37.00 -3.59
N PRO B 225 -25.11 -37.07 -4.83
CA PRO B 225 -24.75 -38.36 -5.42
C PRO B 225 -23.69 -39.00 -4.54
N ALA B 226 -23.61 -40.33 -4.56
CA ALA B 226 -22.64 -41.05 -3.75
C ALA B 226 -21.20 -40.60 -3.94
N ASP B 227 -20.86 -40.16 -5.14
CA ASP B 227 -19.49 -39.73 -5.43
C ASP B 227 -19.16 -38.30 -4.99
N ALA B 228 -20.15 -37.58 -4.49
CA ALA B 228 -19.92 -36.20 -4.05
C ALA B 228 -18.98 -36.18 -2.84
N GLN B 229 -18.15 -35.13 -2.74
CA GLN B 229 -17.22 -35.02 -1.63
C GLN B 229 -17.65 -33.90 -0.69
N CYS B 230 -17.47 -34.13 0.62
CA CYS B 230 -17.85 -33.14 1.63
C CYS B 230 -16.66 -32.79 2.50
N SER B 231 -16.60 -31.53 2.93
CA SER B 231 -15.49 -31.06 3.73
C SER B 231 -15.87 -29.83 4.55
N VAL B 232 -14.89 -29.35 5.31
CA VAL B 232 -15.03 -28.14 6.11
C VAL B 232 -13.70 -27.42 5.92
N THR B 233 -13.72 -26.09 5.95
CA THR B 233 -12.47 -25.33 5.79
C THR B 233 -12.14 -24.60 7.10
N LEU B 234 -10.97 -24.89 7.63
CA LEU B 234 -10.53 -24.27 8.87
C LEU B 234 -9.23 -23.52 8.69
N ASN B 235 -9.15 -22.32 9.27
CA ASN B 235 -7.90 -21.61 9.21
C ASN B 235 -7.17 -22.17 10.43
N ILE B 236 -6.24 -23.09 10.17
CA ILE B 236 -5.47 -23.72 11.24
C ILE B 236 -4.31 -22.83 11.66
N HIS B 237 -4.38 -22.29 12.87
CA HIS B 237 -3.32 -21.42 13.37
C HIS B 237 -2.10 -22.25 13.74
N HIS B 238 -0.94 -21.88 13.20
CA HIS B 238 0.28 -22.60 13.53
C HIS B 238 0.90 -21.75 14.65
N VAL B 239 0.68 -22.19 15.88
CA VAL B 239 1.16 -21.46 17.04
C VAL B 239 2.55 -21.88 17.51
N ARG B 240 3.40 -20.89 17.74
CA ARG B 240 4.78 -21.09 18.20
C ARG B 240 4.99 -20.24 19.44
N PRO B 241 5.91 -20.67 20.33
CA PRO B 241 6.18 -19.91 21.55
C PRO B 241 7.31 -18.91 21.33
N LEU B 242 7.22 -17.76 21.98
CA LEU B 242 8.26 -16.74 21.85
C LEU B 242 9.59 -17.29 22.32
N THR B 243 9.58 -17.95 23.48
CA THR B 243 10.80 -18.53 24.04
C THR B 243 10.58 -20.01 24.33
N ASP B 244 11.62 -20.67 24.85
CA ASP B 244 11.53 -22.09 25.16
C ASP B 244 11.00 -22.38 26.55
N SER B 245 10.48 -21.37 27.22
CA SER B 245 9.95 -21.55 28.56
C SER B 245 8.73 -22.46 28.55
N ASP B 246 8.49 -23.13 29.67
CA ASP B 246 7.34 -24.02 29.77
C ASP B 246 6.10 -23.15 29.77
N ALA B 247 6.20 -21.96 30.36
CA ALA B 247 5.09 -21.04 30.42
C ALA B 247 4.64 -20.64 29.02
N ASP B 248 5.61 -20.42 28.13
CA ASP B 248 5.30 -20.05 26.76
C ASP B 248 4.71 -21.25 26.03
N ALA B 249 5.19 -22.44 26.38
CA ALA B 249 4.71 -23.67 25.77
C ALA B 249 3.24 -23.88 26.14
N ASP B 250 2.88 -23.53 27.37
CA ASP B 250 1.50 -23.69 27.79
C ASP B 250 0.62 -22.65 27.11
N ALA B 251 1.19 -21.48 26.81
CA ALA B 251 0.43 -20.43 26.15
C ALA B 251 0.11 -20.95 24.74
N VAL B 252 1.06 -21.66 24.15
CA VAL B 252 0.87 -22.23 22.82
C VAL B 252 -0.26 -23.25 22.88
N ARG B 253 -0.25 -24.07 23.93
CA ARG B 253 -1.28 -25.09 24.11
C ARG B 253 -2.66 -24.43 24.22
N ARG B 254 -2.75 -23.41 25.05
CA ARG B 254 -4.00 -22.70 25.28
C ARG B 254 -4.57 -22.08 24.02
N ILE B 255 -3.71 -21.44 23.23
CA ILE B 255 -4.17 -20.81 21.99
C ILE B 255 -4.49 -21.85 20.92
N ASP B 256 -3.71 -22.93 20.88
CA ASP B 256 -3.96 -23.99 19.91
C ASP B 256 -5.31 -24.63 20.19
N ALA B 257 -5.69 -24.68 21.46
CA ALA B 257 -6.98 -25.26 21.85
C ALA B 257 -8.12 -24.38 21.38
N LEU B 258 -7.98 -23.07 21.61
CA LEU B 258 -8.99 -22.08 21.23
C LEU B 258 -9.08 -21.81 19.73
N ALA B 259 -7.95 -21.88 19.04
CA ALA B 259 -7.94 -21.59 17.62
C ALA B 259 -8.24 -22.78 16.72
N ASN B 260 -7.71 -23.94 17.08
CA ASN B 260 -7.86 -25.12 16.26
C ASN B 260 -8.65 -26.29 16.83
N ARG B 261 -8.21 -26.81 17.97
CA ARG B 261 -8.86 -27.98 18.56
C ARG B 261 -10.31 -27.83 19.00
N VAL B 262 -10.77 -26.59 19.19
CA VAL B 262 -12.17 -26.39 19.57
C VAL B 262 -13.04 -26.84 18.39
N PHE B 263 -12.42 -26.93 17.21
CA PHE B 263 -13.13 -27.37 16.02
C PHE B 263 -12.67 -28.76 15.56
N THR B 264 -11.36 -29.00 15.51
CA THR B 264 -10.88 -30.30 15.06
C THR B 264 -11.27 -31.41 16.04
N GLY B 265 -11.32 -31.08 17.32
CA GLY B 265 -11.70 -32.09 18.31
C GLY B 265 -13.09 -32.63 18.03
N PRO B 266 -14.10 -31.74 18.01
CA PRO B 266 -15.47 -32.20 17.74
C PRO B 266 -15.68 -32.73 16.31
N MET B 267 -15.24 -31.96 15.32
CA MET B 267 -15.43 -32.35 13.93
C MET B 267 -14.70 -33.61 13.48
N LEU B 268 -13.47 -33.78 13.95
CA LEU B 268 -12.66 -34.92 13.53
C LEU B 268 -12.46 -36.03 14.56
N GLN B 269 -12.79 -35.77 15.81
CA GLN B 269 -12.60 -36.79 16.85
C GLN B 269 -13.81 -37.03 17.75
N GLY B 270 -14.86 -36.24 17.55
CA GLY B 270 -16.06 -36.41 18.34
C GLY B 270 -15.92 -36.05 19.82
N ALA B 271 -15.10 -35.05 20.12
CA ALA B 271 -14.93 -34.63 21.51
C ALA B 271 -14.17 -33.32 21.63
N TYR B 272 -14.56 -32.51 22.62
CA TYR B 272 -13.86 -31.26 22.89
C TYR B 272 -12.64 -31.66 23.70
N PRO B 273 -11.49 -31.02 23.46
CA PRO B 273 -10.29 -31.35 24.23
C PRO B 273 -10.50 -30.99 25.69
N GLU B 274 -10.06 -31.88 26.59
CA GLU B 274 -10.24 -31.66 28.02
C GLU B 274 -9.55 -30.41 28.55
N ASP B 275 -8.39 -30.06 28.01
CA ASP B 275 -7.71 -28.86 28.49
C ASP B 275 -8.50 -27.61 28.15
N LEU B 276 -9.19 -27.61 27.01
CA LEU B 276 -10.00 -26.48 26.62
C LEU B 276 -11.15 -26.30 27.60
N VAL B 277 -11.78 -27.40 27.98
CA VAL B 277 -12.88 -27.35 28.92
C VAL B 277 -12.40 -26.75 30.24
N LYS B 278 -11.21 -27.14 30.67
CA LYS B 278 -10.65 -26.62 31.90
C LYS B 278 -10.31 -25.15 31.77
N ASP B 279 -9.62 -24.79 30.68
CA ASP B 279 -9.22 -23.42 30.43
C ASP B 279 -10.40 -22.46 30.49
N THR B 280 -11.57 -22.92 30.05
CA THR B 280 -12.77 -22.08 30.02
C THR B 280 -13.76 -22.30 31.16
N ALA B 281 -13.38 -23.09 32.15
CA ALA B 281 -14.26 -23.39 33.28
C ALA B 281 -14.78 -22.16 34.03
N GLY B 282 -13.99 -21.09 34.04
CA GLY B 282 -14.43 -19.89 34.73
C GLY B 282 -15.46 -19.12 33.93
N LEU B 283 -15.59 -19.47 32.66
CA LEU B 283 -16.52 -18.80 31.76
C LEU B 283 -17.83 -19.55 31.57
N THR B 284 -17.73 -20.85 31.36
CA THR B 284 -18.91 -21.67 31.12
C THR B 284 -18.72 -23.13 31.49
N ASP B 285 -19.83 -23.83 31.70
CA ASP B 285 -19.82 -25.24 32.03
C ASP B 285 -20.20 -26.03 30.79
N TRP B 286 -20.34 -25.32 29.66
CA TRP B 286 -20.71 -25.91 28.38
C TRP B 286 -22.01 -26.70 28.44
N SER B 287 -22.98 -26.22 29.21
CA SER B 287 -24.26 -26.90 29.33
C SER B 287 -25.01 -26.93 28.00
N PHE B 288 -24.66 -26.00 27.10
CA PHE B 288 -25.31 -25.93 25.80
C PHE B 288 -24.90 -27.08 24.89
N VAL B 289 -23.90 -27.85 25.31
CA VAL B 289 -23.48 -29.01 24.54
C VAL B 289 -24.42 -30.12 24.99
N ARG B 290 -25.45 -30.38 24.19
CA ARG B 290 -26.45 -31.39 24.52
C ARG B 290 -26.02 -32.82 24.25
N ASP B 291 -26.69 -33.76 24.92
CA ASP B 291 -26.38 -35.17 24.73
C ASP B 291 -26.54 -35.48 23.24
N GLY B 292 -25.52 -36.13 22.67
CA GLY B 292 -25.57 -36.47 21.26
C GLY B 292 -24.95 -35.46 20.31
N ASP B 293 -24.68 -34.24 20.79
CA ASP B 293 -24.10 -33.21 19.94
C ASP B 293 -22.72 -33.51 19.37
N LEU B 294 -21.86 -34.14 20.16
CA LEU B 294 -20.52 -34.46 19.66
C LEU B 294 -20.57 -35.49 18.54
N ARG B 295 -21.42 -36.50 18.68
CA ARG B 295 -21.52 -37.50 17.63
C ARG B 295 -22.08 -36.86 16.37
N LEU B 296 -22.99 -35.89 16.55
CA LEU B 296 -23.57 -35.19 15.40
C LEU B 296 -22.52 -34.35 14.67
N ALA B 297 -21.67 -33.67 15.42
CA ALA B 297 -20.64 -32.83 14.82
C ALA B 297 -19.56 -33.66 14.14
N HIS B 298 -19.35 -34.88 14.63
CA HIS B 298 -18.32 -35.78 14.12
C HIS B 298 -18.77 -36.61 12.92
N GLN B 299 -18.72 -36.02 11.72
CA GLN B 299 -19.11 -36.74 10.51
C GLN B 299 -17.90 -36.99 9.62
N LYS B 300 -17.89 -38.14 8.95
CA LYS B 300 -16.77 -38.47 8.07
C LYS B 300 -16.68 -37.48 6.91
N LEU B 301 -15.47 -36.99 6.66
CA LEU B 301 -15.24 -36.04 5.57
C LEU B 301 -14.32 -36.65 4.53
N ASP B 302 -14.40 -36.16 3.30
CA ASP B 302 -13.55 -36.66 2.23
C ASP B 302 -12.16 -36.02 2.28
N PHE B 303 -12.11 -34.82 2.83
CA PHE B 303 -10.84 -34.10 2.99
C PHE B 303 -11.03 -32.89 3.89
N LEU B 304 -9.93 -32.36 4.42
CA LEU B 304 -9.99 -31.18 5.27
C LEU B 304 -9.46 -29.99 4.48
N GLY B 305 -10.22 -28.90 4.50
CA GLY B 305 -9.78 -27.70 3.81
C GLY B 305 -8.94 -26.92 4.79
N VAL B 306 -7.72 -26.58 4.37
CA VAL B 306 -6.81 -25.83 5.22
C VAL B 306 -6.52 -24.44 4.69
N ASN B 307 -6.70 -23.43 5.53
CA ASN B 307 -6.44 -22.04 5.16
C ASN B 307 -5.24 -21.60 5.99
N TYR B 308 -4.25 -21.00 5.34
CA TYR B 308 -3.05 -20.53 6.03
C TYR B 308 -2.46 -19.31 5.36
N TYR B 309 -2.02 -18.35 6.18
CA TYR B 309 -1.39 -17.14 5.65
C TYR B 309 -0.13 -16.76 6.41
N SER B 310 -0.16 -16.90 7.73
CA SER B 310 0.98 -16.50 8.57
C SER B 310 0.99 -17.24 9.91
N PRO B 311 2.17 -17.37 10.54
CA PRO B 311 2.31 -18.04 11.83
C PRO B 311 1.77 -17.19 12.98
N THR B 312 1.59 -17.81 14.14
CA THR B 312 1.11 -17.12 15.33
C THR B 312 2.17 -17.32 16.39
N LEU B 313 2.65 -16.21 16.96
CA LEU B 313 3.70 -16.27 17.98
C LEU B 313 3.15 -15.76 19.31
N VAL B 314 3.21 -16.63 20.33
CA VAL B 314 2.68 -16.25 21.65
C VAL B 314 3.63 -16.50 22.81
N SER B 315 3.31 -15.88 23.94
CA SER B 315 4.12 -16.04 25.15
C SER B 315 3.20 -15.91 26.36
N HIS B 333 -12.06 -6.09 24.25
CA HIS B 333 -12.69 -7.41 24.20
C HIS B 333 -11.81 -8.36 23.38
N SER B 334 -11.43 -9.46 24.00
CA SER B 334 -10.58 -10.45 23.37
C SER B 334 -11.31 -11.57 22.64
N PRO B 335 -10.70 -12.10 21.56
CA PRO B 335 -11.29 -13.19 20.78
C PRO B 335 -10.76 -14.53 21.29
N TRP B 336 -10.06 -14.48 22.41
CA TRP B 336 -9.48 -15.68 23.02
C TRP B 336 -9.99 -15.84 24.45
N PRO B 337 -11.22 -16.33 24.62
CA PRO B 337 -11.82 -16.52 25.94
C PRO B 337 -10.96 -17.32 26.91
N GLY B 338 -10.73 -16.74 28.09
CA GLY B 338 -9.94 -17.40 29.12
C GLY B 338 -8.43 -17.36 28.93
N ALA B 339 -7.97 -16.74 27.84
CA ALA B 339 -6.54 -16.66 27.56
C ALA B 339 -5.97 -15.26 27.72
N ASP B 340 -6.45 -14.54 28.73
CA ASP B 340 -5.99 -13.18 28.97
C ASP B 340 -4.54 -13.16 29.45
N ARG B 341 -4.01 -14.33 29.82
CA ARG B 341 -2.63 -14.43 30.27
C ARG B 341 -1.69 -14.70 29.11
N VAL B 342 -2.20 -14.58 27.89
CA VAL B 342 -1.40 -14.81 26.70
C VAL B 342 -1.16 -13.52 25.92
N ALA B 343 0.07 -13.34 25.44
CA ALA B 343 0.42 -12.17 24.66
C ALA B 343 0.83 -12.63 23.26
N PHE B 344 0.48 -11.84 22.25
CA PHE B 344 0.83 -12.19 20.88
C PHE B 344 1.97 -11.32 20.37
N HIS B 345 2.79 -11.88 19.50
CA HIS B 345 3.94 -11.15 18.99
C HIS B 345 4.06 -11.22 17.48
N GLN B 346 4.79 -10.26 16.91
CA GLN B 346 5.00 -10.23 15.47
C GLN B 346 6.01 -11.31 15.13
N PRO B 347 5.61 -12.31 14.34
CA PRO B 347 6.54 -13.38 13.97
C PRO B 347 7.61 -12.78 13.06
N PRO B 348 8.84 -13.30 13.13
CA PRO B 348 9.92 -12.78 12.28
C PRO B 348 9.70 -13.05 10.78
N GLY B 349 10.20 -12.14 9.95
CA GLY B 349 10.08 -12.29 8.50
C GLY B 349 9.59 -11.06 7.77
N GLU B 350 9.64 -11.10 6.43
CA GLU B 350 9.15 -10.01 5.61
C GLU B 350 7.65 -9.92 5.88
N THR B 351 7.04 -8.78 5.59
CA THR B 351 5.61 -8.64 5.84
C THR B 351 4.83 -8.29 4.60
N THR B 352 3.53 -8.56 4.64
CA THR B 352 2.64 -8.26 3.53
C THR B 352 1.92 -6.95 3.84
N ALA B 353 0.98 -6.57 2.98
CA ALA B 353 0.24 -5.32 3.20
C ALA B 353 -0.58 -5.39 4.48
N MET B 354 -0.86 -6.60 4.95
CA MET B 354 -1.63 -6.82 6.17
C MET B 354 -0.71 -6.64 7.38
N GLY B 355 0.59 -6.65 7.13
CA GLY B 355 1.55 -6.52 8.21
C GLY B 355 1.89 -7.88 8.77
N TRP B 356 1.35 -8.92 8.14
CA TRP B 356 1.60 -10.30 8.59
C TRP B 356 2.94 -10.81 8.13
N ALA B 357 3.58 -11.61 8.98
CA ALA B 357 4.87 -12.19 8.65
C ALA B 357 4.72 -13.23 7.54
N VAL B 358 5.72 -13.28 6.67
CA VAL B 358 5.74 -14.23 5.56
C VAL B 358 6.68 -15.34 6.01
N ASP B 359 6.14 -16.54 6.20
CA ASP B 359 6.95 -17.67 6.65
C ASP B 359 6.37 -18.99 6.14
N PRO B 360 6.85 -19.46 4.99
CA PRO B 360 6.39 -20.71 4.37
C PRO B 360 6.64 -21.93 5.24
N SER B 361 7.58 -21.81 6.19
CA SER B 361 7.90 -22.94 7.07
C SER B 361 6.70 -23.23 7.97
N GLY B 362 5.90 -22.20 8.23
CA GLY B 362 4.73 -22.39 9.06
C GLY B 362 3.75 -23.33 8.37
N LEU B 363 3.64 -23.18 7.05
CA LEU B 363 2.74 -24.02 6.27
C LEU B 363 3.25 -25.45 6.23
N TYR B 364 4.56 -25.62 6.02
CA TYR B 364 5.13 -26.95 5.98
C TYR B 364 4.89 -27.67 7.30
N GLU B 365 5.24 -27.01 8.41
CA GLU B 365 5.08 -27.59 9.75
C GLU B 365 3.62 -27.87 10.08
N LEU B 366 2.74 -26.94 9.70
CA LEU B 366 1.32 -27.10 9.95
C LEU B 366 0.81 -28.34 9.24
N LEU B 367 1.26 -28.55 8.00
CA LEU B 367 0.84 -29.72 7.23
C LEU B 367 1.37 -31.00 7.86
N ARG B 368 2.60 -30.95 8.37
CA ARG B 368 3.18 -32.13 8.99
C ARG B 368 2.43 -32.49 10.28
N ARG B 369 1.97 -31.47 11.00
CA ARG B 369 1.22 -31.73 12.23
C ARG B 369 -0.13 -32.36 11.90
N LEU B 370 -0.79 -31.83 10.88
CA LEU B 370 -2.09 -32.38 10.49
C LEU B 370 -1.95 -33.82 10.02
N SER B 371 -0.86 -34.11 9.30
CA SER B 371 -0.63 -35.47 8.82
C SER B 371 -0.41 -36.42 9.99
N SER B 372 0.14 -35.89 11.07
CA SER B 372 0.41 -36.67 12.27
C SER B 372 -0.86 -36.92 13.06
N ASP B 373 -1.64 -35.86 13.26
CA ASP B 373 -2.88 -35.93 14.02
C ASP B 373 -4.02 -36.63 13.28
N PHE B 374 -4.11 -36.43 11.97
CA PHE B 374 -5.17 -37.03 11.16
C PHE B 374 -4.58 -37.60 9.88
N PRO B 375 -3.80 -38.69 10.01
CA PRO B 375 -3.15 -39.36 8.87
C PRO B 375 -4.06 -39.88 7.75
N ALA B 376 -5.27 -40.29 8.08
CA ALA B 376 -6.18 -40.83 7.07
C ALA B 376 -7.08 -39.78 6.45
N LEU B 377 -6.87 -38.52 6.80
CA LEU B 377 -7.68 -37.42 6.28
C LEU B 377 -6.94 -36.59 5.23
N PRO B 378 -7.34 -36.71 3.96
CA PRO B 378 -6.71 -35.95 2.88
C PRO B 378 -6.78 -34.46 3.16
N LEU B 379 -5.78 -33.72 2.68
CA LEU B 379 -5.73 -32.28 2.90
C LEU B 379 -5.77 -31.48 1.60
N VAL B 380 -6.48 -30.36 1.63
CA VAL B 380 -6.54 -29.48 0.47
C VAL B 380 -6.31 -28.07 0.99
N ILE B 381 -5.39 -27.34 0.38
CA ILE B 381 -5.13 -25.96 0.81
C ILE B 381 -6.24 -25.16 0.13
N THR B 382 -7.29 -24.84 0.87
CA THR B 382 -8.40 -24.10 0.30
C THR B 382 -8.20 -22.59 0.26
N GLU B 383 -7.18 -22.11 0.97
CA GLU B 383 -6.85 -20.69 0.98
C GLU B 383 -5.41 -20.41 1.39
N ASN B 384 -4.70 -19.68 0.53
CA ASN B 384 -3.33 -19.24 0.79
C ASN B 384 -3.08 -18.13 -0.21
N GLY B 385 -2.47 -17.04 0.26
CA GLY B 385 -2.21 -15.92 -0.63
C GLY B 385 -1.67 -14.76 0.16
N ALA B 386 -1.54 -13.60 -0.49
CA ALA B 386 -1.01 -12.46 0.20
C ALA B 386 -1.51 -11.13 -0.37
N ALA B 387 -1.61 -10.15 0.51
CA ALA B 387 -2.04 -8.82 0.12
C ALA B 387 -0.80 -7.96 -0.06
N PHE B 388 -0.76 -7.23 -1.17
CA PHE B 388 0.35 -6.32 -1.46
C PHE B 388 -0.29 -5.07 -2.06
N HIS B 389 0.42 -3.94 -1.99
CA HIS B 389 -0.12 -2.70 -2.49
C HIS B 389 0.05 -2.55 -4.00
N ASP B 390 -0.73 -3.35 -4.72
CA ASP B 390 -0.70 -3.39 -6.18
C ASP B 390 -1.28 -2.12 -6.80
N TYR B 391 -0.83 -1.81 -8.01
CA TYR B 391 -1.31 -0.65 -8.73
C TYR B 391 -1.20 -0.92 -10.22
N ALA B 392 -2.06 -0.28 -10.99
CA ALA B 392 -2.03 -0.40 -12.44
C ALA B 392 -1.20 0.78 -12.91
N ASP B 393 -0.17 0.52 -13.69
CA ASP B 393 0.69 1.60 -14.18
C ASP B 393 0.07 2.26 -15.42
N PRO B 394 0.71 3.33 -15.94
CA PRO B 394 0.18 4.04 -17.12
C PRO B 394 -0.03 3.17 -18.35
N GLU B 395 0.72 2.08 -18.44
CA GLU B 395 0.63 1.18 -19.57
C GLU B 395 -0.43 0.09 -19.37
N GLY B 396 -1.13 0.15 -18.24
CA GLY B 396 -2.19 -0.80 -17.96
C GLY B 396 -1.76 -2.13 -17.37
N ASN B 397 -0.53 -2.20 -16.87
CA ASN B 397 -0.03 -3.45 -16.29
C ASN B 397 -0.01 -3.40 -14.77
N VAL B 398 -0.14 -4.56 -14.16
CA VAL B 398 -0.10 -4.66 -12.70
C VAL B 398 0.95 -5.70 -12.37
N ASN B 399 2.09 -5.22 -11.89
CA ASN B 399 3.22 -6.09 -11.54
C ASN B 399 3.29 -6.37 -10.05
N ASP B 400 3.21 -7.65 -9.70
CA ASP B 400 3.25 -8.07 -8.31
C ASP B 400 4.25 -9.19 -8.07
N PRO B 401 5.55 -8.92 -8.28
CA PRO B 401 6.56 -9.96 -8.06
C PRO B 401 6.60 -10.45 -6.61
N GLU B 402 6.18 -9.62 -5.68
CA GLU B 402 6.17 -10.00 -4.26
C GLU B 402 5.16 -11.12 -4.03
N ARG B 403 4.05 -11.08 -4.76
CA ARG B 403 3.04 -12.11 -4.63
C ARG B 403 3.54 -13.40 -5.27
N ILE B 404 4.23 -13.27 -6.40
CA ILE B 404 4.76 -14.45 -7.07
C ILE B 404 5.74 -15.14 -6.11
N ALA B 405 6.58 -14.35 -5.45
CA ALA B 405 7.55 -14.90 -4.51
C ALA B 405 6.85 -15.60 -3.34
N TYR B 406 5.79 -14.96 -2.83
CA TYR B 406 5.04 -15.54 -1.72
C TYR B 406 4.43 -16.88 -2.10
N VAL B 407 3.72 -16.93 -3.21
CA VAL B 407 3.08 -18.15 -3.65
C VAL B 407 4.10 -19.25 -3.96
N ARG B 408 5.15 -18.88 -4.67
CA ARG B 408 6.20 -19.83 -5.04
C ARG B 408 6.81 -20.48 -3.80
N ASP B 409 7.16 -19.64 -2.82
CA ASP B 409 7.74 -20.12 -1.57
C ASP B 409 6.81 -21.03 -0.80
N HIS B 410 5.54 -20.68 -0.72
CA HIS B 410 4.59 -21.52 0.01
C HIS B 410 4.30 -22.80 -0.74
N LEU B 411 4.31 -22.75 -2.07
CA LEU B 411 4.07 -23.95 -2.86
C LEU B 411 5.25 -24.89 -2.68
N ALA B 412 6.42 -24.32 -2.47
CA ALA B 412 7.62 -25.13 -2.28
C ALA B 412 7.48 -25.85 -0.94
N ALA B 413 6.89 -25.18 0.04
CA ALA B 413 6.67 -25.76 1.36
C ALA B 413 5.66 -26.90 1.26
N VAL B 414 4.64 -26.71 0.43
CA VAL B 414 3.63 -27.73 0.22
C VAL B 414 4.28 -28.94 -0.44
N HIS B 415 5.10 -28.69 -1.45
CA HIS B 415 5.76 -29.78 -2.17
C HIS B 415 6.63 -30.61 -1.22
N ARG B 416 7.32 -29.94 -0.30
CA ARG B 416 8.18 -30.65 0.66
C ARG B 416 7.32 -31.52 1.56
N ALA B 417 6.18 -30.97 2.00
CA ALA B 417 5.28 -31.70 2.88
C ALA B 417 4.80 -32.97 2.17
N ILE B 418 4.46 -32.85 0.89
CA ILE B 418 4.01 -33.99 0.12
C ILE B 418 5.11 -35.03 0.07
N LYS B 419 6.32 -34.59 -0.26
CA LYS B 419 7.46 -35.49 -0.35
C LYS B 419 7.71 -36.17 0.99
N ASP B 420 7.41 -35.47 2.08
CA ASP B 420 7.61 -36.02 3.41
C ASP B 420 6.46 -36.87 3.93
N GLY B 421 5.44 -37.08 3.09
CA GLY B 421 4.33 -37.92 3.50
C GLY B 421 2.96 -37.29 3.65
N SER B 422 2.87 -35.96 3.57
CA SER B 422 1.58 -35.30 3.71
C SER B 422 0.68 -35.50 2.50
N ASP B 423 -0.57 -35.86 2.75
CA ASP B 423 -1.54 -36.11 1.70
C ASP B 423 -2.27 -34.84 1.27
N VAL B 424 -1.56 -33.95 0.57
CA VAL B 424 -2.17 -32.70 0.08
C VAL B 424 -2.55 -32.92 -1.38
N ARG B 425 -3.82 -32.69 -1.70
CA ARG B 425 -4.29 -32.93 -3.06
C ARG B 425 -4.68 -31.75 -3.92
N GLY B 426 -4.60 -30.55 -3.36
CA GLY B 426 -4.95 -29.38 -4.14
C GLY B 426 -4.52 -28.09 -3.46
N TYR B 427 -4.50 -27.02 -4.25
CA TYR B 427 -4.12 -25.71 -3.75
C TYR B 427 -4.97 -24.65 -4.41
N PHE B 428 -5.59 -23.80 -3.59
CA PHE B 428 -6.42 -22.72 -4.11
C PHE B 428 -5.86 -21.39 -3.65
N LEU B 429 -5.46 -20.57 -4.61
CA LEU B 429 -4.91 -19.28 -4.30
C LEU B 429 -6.06 -18.36 -3.86
N TRP B 430 -6.02 -17.80 -2.66
CA TRP B 430 -7.01 -16.78 -2.28
C TRP B 430 -6.33 -15.64 -2.95
N SER B 431 -6.96 -14.93 -3.88
CA SER B 431 -8.31 -15.02 -4.38
C SER B 431 -8.08 -14.74 -5.85
N LEU B 432 -9.01 -15.08 -6.71
CA LEU B 432 -8.90 -14.81 -8.14
C LEU B 432 -8.92 -13.30 -8.34
N LEU B 433 -9.71 -12.61 -7.51
CA LEU B 433 -9.93 -11.17 -7.63
C LEU B 433 -9.64 -10.35 -6.38
N ASP B 434 -9.23 -9.09 -6.60
CA ASP B 434 -9.04 -8.17 -5.49
C ASP B 434 -10.49 -8.02 -5.04
N ASN B 435 -10.74 -7.92 -3.75
CA ASN B 435 -12.12 -7.82 -3.29
C ASN B 435 -12.29 -7.14 -1.95
N PHE B 436 -13.53 -7.13 -1.45
CA PHE B 436 -13.86 -6.52 -0.17
C PHE B 436 -13.27 -7.39 0.94
N GLU B 437 -12.17 -6.92 1.53
CA GLU B 437 -11.50 -7.68 2.57
C GLU B 437 -12.03 -7.39 3.98
N TRP B 438 -13.30 -7.70 4.17
CA TRP B 438 -13.97 -7.55 5.45
C TRP B 438 -13.74 -6.21 6.17
N ALA B 439 -13.25 -6.23 7.41
CA ALA B 439 -13.04 -4.99 8.16
C ALA B 439 -12.05 -4.04 7.51
N HIS B 440 -11.23 -4.57 6.60
CA HIS B 440 -10.25 -3.75 5.91
C HIS B 440 -10.83 -3.12 4.65
N GLY B 441 -12.08 -3.44 4.33
CA GLY B 441 -12.69 -2.88 3.15
C GLY B 441 -11.88 -3.18 1.90
N TYR B 442 -11.81 -2.24 0.98
CA TYR B 442 -11.05 -2.45 -0.25
C TYR B 442 -9.58 -2.04 -0.15
N SER B 443 -9.12 -1.80 1.07
CA SER B 443 -7.74 -1.36 1.28
C SER B 443 -6.69 -2.46 1.09
N LYS B 444 -7.11 -3.71 1.04
CA LYS B 444 -6.17 -4.82 0.88
C LYS B 444 -6.50 -5.63 -0.36
N ARG B 445 -5.51 -5.80 -1.24
CA ARG B 445 -5.67 -6.53 -2.49
C ARG B 445 -4.94 -7.87 -2.45
N PHE B 446 -5.72 -8.96 -2.56
CA PHE B 446 -5.22 -10.34 -2.54
C PHE B 446 -5.32 -11.03 -3.90
N GLY B 447 -5.91 -10.37 -4.89
CA GLY B 447 -6.11 -11.02 -6.16
C GLY B 447 -4.97 -11.34 -7.12
N ALA B 448 -5.20 -12.35 -7.95
CA ALA B 448 -4.24 -12.71 -8.99
C ALA B 448 -4.70 -11.79 -10.13
N VAL B 449 -5.93 -11.30 -10.00
CA VAL B 449 -6.51 -10.39 -10.98
C VAL B 449 -6.88 -9.09 -10.29
N TYR B 450 -6.32 -7.98 -10.80
CA TYR B 450 -6.56 -6.65 -10.24
C TYR B 450 -7.94 -6.16 -10.64
N VAL B 451 -8.59 -5.42 -9.75
CA VAL B 451 -9.90 -4.87 -10.06
C VAL B 451 -9.90 -3.36 -9.78
N ASP B 452 -10.20 -2.58 -10.80
CA ASP B 452 -10.31 -1.13 -10.66
C ASP B 452 -11.75 -0.98 -10.19
N TYR B 453 -11.96 -0.74 -8.90
CA TYR B 453 -13.32 -0.68 -8.38
C TYR B 453 -14.33 0.27 -9.00
N PRO B 454 -13.93 1.50 -9.34
CA PRO B 454 -14.90 2.42 -9.94
C PRO B 454 -15.53 1.89 -11.23
N THR B 455 -14.71 1.22 -12.04
CA THR B 455 -15.17 0.67 -13.32
C THR B 455 -15.41 -0.83 -13.30
N GLY B 456 -14.78 -1.50 -12.34
CA GLY B 456 -14.91 -2.94 -12.24
C GLY B 456 -13.97 -3.63 -13.21
N THR B 457 -13.13 -2.85 -13.90
CA THR B 457 -12.20 -3.43 -14.87
C THR B 457 -11.24 -4.43 -14.26
N ARG B 458 -11.12 -5.58 -14.92
CA ARG B 458 -10.21 -6.65 -14.48
C ARG B 458 -8.90 -6.59 -15.26
N ILE B 459 -7.79 -6.70 -14.56
CA ILE B 459 -6.48 -6.70 -15.19
C ILE B 459 -5.66 -7.83 -14.55
N PRO B 460 -5.46 -8.94 -15.28
CA PRO B 460 -4.67 -10.03 -14.71
C PRO B 460 -3.28 -9.50 -14.34
N LYS B 461 -2.85 -9.77 -13.12
CA LYS B 461 -1.54 -9.31 -12.65
C LYS B 461 -0.47 -10.26 -13.15
N ALA B 462 0.79 -9.88 -12.94
CA ALA B 462 1.91 -10.72 -13.35
C ALA B 462 1.78 -12.11 -12.71
N SER B 463 1.31 -12.15 -11.47
CA SER B 463 1.14 -13.42 -10.76
C SER B 463 0.15 -14.35 -11.44
N ALA B 464 -0.86 -13.78 -12.09
CA ALA B 464 -1.86 -14.58 -12.78
C ALA B 464 -1.21 -15.40 -13.89
N ARG B 465 -0.38 -14.74 -14.68
CA ARG B 465 0.30 -15.40 -15.80
C ARG B 465 1.30 -16.43 -15.29
N TRP B 466 1.97 -16.12 -14.19
CA TRP B 466 2.95 -17.02 -13.59
C TRP B 466 2.25 -18.26 -13.02
N TYR B 467 1.17 -18.03 -12.29
CA TYR B 467 0.40 -19.11 -11.67
C TYR B 467 -0.23 -20.01 -12.72
N ALA B 468 -0.66 -19.42 -13.83
CA ALA B 468 -1.28 -20.18 -14.91
C ALA B 468 -0.30 -21.23 -15.41
N GLU B 469 0.96 -20.84 -15.56
CA GLU B 469 2.00 -21.76 -16.03
C GLU B 469 2.16 -22.94 -15.07
N VAL B 470 2.10 -22.66 -13.78
CA VAL B 470 2.23 -23.71 -12.76
C VAL B 470 1.02 -24.65 -12.83
N ALA B 471 -0.17 -24.07 -12.92
CA ALA B 471 -1.41 -24.84 -12.98
C ALA B 471 -1.50 -25.67 -14.25
N ARG B 472 -0.80 -25.23 -15.28
CA ARG B 472 -0.79 -25.93 -16.57
C ARG B 472 0.11 -27.16 -16.59
N THR B 473 1.34 -26.99 -16.08
CA THR B 473 2.32 -28.07 -16.08
C THR B 473 2.49 -28.77 -14.73
N GLY B 474 2.10 -28.10 -13.66
CA GLY B 474 2.27 -28.68 -12.34
C GLY B 474 3.72 -28.58 -11.92
N VAL B 475 4.50 -27.83 -12.70
CA VAL B 475 5.91 -27.64 -12.41
C VAL B 475 6.13 -26.28 -11.73
N LEU B 476 6.76 -26.32 -10.57
CA LEU B 476 7.04 -25.10 -9.82
C LEU B 476 8.48 -24.68 -10.08
N PRO B 477 8.67 -23.55 -10.78
CA PRO B 477 10.01 -23.04 -11.07
C PRO B 477 10.58 -22.40 -9.82
N THR B 478 11.74 -22.85 -9.37
CA THR B 478 12.36 -22.28 -8.17
C THR B 478 13.56 -21.40 -8.50
N ALA B 479 14.10 -20.78 -7.57
C1 GLC C . 26.54 40.97 -6.51
C2 GLC C . 26.60 40.73 -8.04
C3 GLC C . 26.93 39.32 -8.36
C4 GLC C . 28.29 38.92 -7.71
C5 GLC C . 28.11 39.10 -6.18
C6 GLC C . 29.31 38.62 -5.34
O2 GLC C . 25.42 41.36 -8.52
O3 GLC C . 27.07 39.22 -9.75
O4 GLC C . 28.60 37.53 -7.97
O5 GLC C . 27.59 40.43 -5.86
O6 GLC C . 30.53 39.37 -5.67
C1 FRU C . 23.41 41.66 -5.57
C2 FRU C . 24.55 40.82 -4.91
C3 FRU C . 24.02 39.69 -4.00
C4 FRU C . 24.93 39.61 -2.78
C5 FRU C . 25.58 40.98 -2.75
C6 FRU C . 27.12 40.85 -2.66
O1 FRU C . 22.46 42.09 -4.57
O2 FRU C . 25.37 40.40 -6.01
O3 FRU C . 23.97 38.47 -4.70
O4 FRU C . 24.21 39.25 -1.63
O5 FRU C . 25.07 41.73 -3.93
O6 FRU C . 27.67 42.05 -2.05
S SO4 D . 39.60 19.17 -11.08
O1 SO4 D . 39.81 17.85 -10.44
O2 SO4 D . 38.24 19.24 -11.65
O3 SO4 D . 39.77 20.24 -10.05
O4 SO4 D . 40.60 19.37 -12.17
S SO4 E . -28.84 -23.52 26.91
O1 SO4 E . -29.95 -23.89 27.83
O2 SO4 E . -28.45 -24.70 26.10
O3 SO4 E . -29.29 -22.42 26.02
O4 SO4 E . -27.68 -23.06 27.71
S SO4 F . -37.67 -16.34 -7.63
O1 SO4 F . -38.12 -17.69 -7.20
O2 SO4 F . -37.69 -16.25 -9.11
O3 SO4 F . -38.57 -15.31 -7.06
O4 SO4 F . -36.29 -16.11 -7.14
#